data_5KW9
#
_entry.id   5KW9
#
_cell.length_a   162.000
_cell.length_b   162.000
_cell.length_c   146.810
_cell.angle_alpha   90.00
_cell.angle_beta   90.00
_cell.angle_gamma   120.00
#
_symmetry.space_group_name_H-M   'P 65 2 2'
#
loop_
_entity.id
_entity.type
_entity.pdbx_description
1 polymer 'Capsid protein VP1'
2 polymer 'IgA(VH)-IgG(CH) heavy chain Fab fragment'
3 polymer 'IgA Light chain'
4 non-polymer 'SODIUM ION'
5 non-polymer 'MAGNESIUM ION'
6 water water
#
loop_
_entity_poly.entity_id
_entity_poly.type
_entity_poly.pdbx_seq_one_letter_code
_entity_poly.pdbx_strand_id
1 'polypeptide(L)'
;EQKTRPFTLPNLPLSSLSNSRAPLPISSMGISPDNVQSVQFQNGRCTLDGRLVGTTPVSLSHVAKIRGTSNGTVINLTEL
DGTPFHPFEGPAPIGFPDLGGCDWHINMTQFGHSSQTQYDVDTTPDTFVPHLGSIQANGIGSGNYVGVLSWISPPSHPSG
SQVDLWKIPNYGSSITEATHLAPSVYPPGFGEVLVFFMSKMPGPGAYNLPCLLPQEYISHLASEQAPTVGEAALLHYVDP
DTGRNLGEFKAYPDGFLTCVPNGASSGPQQLPINGVFVFVSWVSRFYQLKPVGTA
;
A
2 'polypeptide(L)'
;QVQLVQSGAEVKKPGSSVKVSCRTSGDTFNTHAISWVRQAPGQGLEWMGGIIPIFATTNYANKFQGTVTISADESTSTAY
LEVRSLRSEDTAVYYCASNRANRADDYDYYFDYWGQGTLVTVSSASFKGPSVFPLAPSSKSTSGGTAALGCLVKDYFPEP
VTVSWNSGALTSGVHTFPAVLQSSGLYSLSSVVTVPSSSLGTQTYICNVNHKPSNTKVDKKVEPKSC
;
H
3 'polypeptide(L)'
;EIVMSQSPDSLAVSLGERATINCKSSQSVLYKSDKKNYLAWYQQKSGQPPKLLIYWASTRESGVPDRFSGSGSGTDFTLT
ISSLQAEDVAVYYCQQYYSIPRTFGQGTKVDIKRTAAAPSVFIFPPSDEQLKSGTASVVCLLNNFYPREAKVQWKVDNAL
QSGNSQESVTEQDSKDSTYSLSSTLTLSKADYEKHKVYACEVTHEGLSSPVTKSFNRGEC
;
L
#
# COMPACT_ATOMS: atom_id res chain seq x y z
N ARG A 5 58.50 -8.24 13.34
CA ARG A 5 57.21 -8.67 13.89
C ARG A 5 56.60 -9.79 13.05
N PRO A 6 56.73 -11.03 13.53
CA PRO A 6 56.18 -12.16 12.77
C PRO A 6 54.67 -12.11 12.70
N PHE A 7 54.13 -12.67 11.62
CA PHE A 7 52.69 -12.72 11.43
C PHE A 7 52.07 -13.82 12.28
N THR A 8 51.00 -13.49 12.99
CA THR A 8 50.24 -14.46 13.76
C THR A 8 48.75 -14.18 13.62
N LEU A 9 47.96 -15.21 13.87
CA LEU A 9 46.52 -15.11 14.06
C LEU A 9 46.17 -15.55 15.47
N PRO A 10 45.05 -15.07 16.03
CA PRO A 10 44.72 -15.41 17.42
C PRO A 10 44.63 -16.91 17.64
N ASN A 11 45.12 -17.35 18.79
CA ASN A 11 45.04 -18.76 19.19
C ASN A 11 43.74 -18.99 19.97
N LEU A 12 42.64 -18.88 19.23
CA LEU A 12 41.30 -19.01 19.78
C LEU A 12 40.42 -19.79 18.81
N PRO A 13 39.59 -20.70 19.31
CA PRO A 13 38.71 -21.46 18.41
C PRO A 13 37.67 -20.57 17.75
N LEU A 14 37.33 -20.89 16.50
CA LEU A 14 36.44 -20.05 15.71
C LEU A 14 35.08 -19.88 16.39
N SER A 15 34.56 -20.95 16.98
CA SER A 15 33.21 -20.94 17.53
C SER A 15 33.07 -20.06 18.76
N SER A 16 34.18 -19.56 19.32
CA SER A 16 34.12 -18.60 20.41
C SER A 16 34.32 -17.16 19.94
N LEU A 17 34.39 -16.95 18.62
CA LEU A 17 34.64 -15.64 18.04
C LEU A 17 33.36 -15.06 17.44
N SER A 18 33.46 -13.82 16.99
CA SER A 18 32.31 -13.05 16.55
C SER A 18 32.36 -12.76 15.05
N ASN A 19 31.19 -12.71 14.45
CA ASN A 19 31.04 -12.13 13.13
C ASN A 19 31.52 -10.68 13.15
N SER A 20 31.95 -10.19 11.99
CA SER A 20 32.43 -8.83 11.88
C SER A 20 31.47 -7.91 11.13
N ARG A 21 30.31 -8.41 10.74
CA ARG A 21 29.25 -7.58 10.15
C ARG A 21 28.05 -7.43 11.07
N ALA A 22 27.99 -8.18 12.17
CA ALA A 22 26.97 -8.03 13.19
C ALA A 22 27.52 -8.64 14.47
N PRO A 23 27.07 -8.15 15.69
CA PRO A 23 27.60 -8.72 16.95
C PRO A 23 27.03 -10.10 17.24
N LEU A 24 27.37 -11.06 16.38
CA LEU A 24 26.81 -12.39 16.46
C LEU A 24 27.92 -13.43 16.58
N PRO A 25 27.72 -14.47 17.38
CA PRO A 25 28.73 -15.54 17.45
C PRO A 25 28.87 -16.25 16.13
N ILE A 26 30.09 -16.72 15.85
CA ILE A 26 30.35 -17.54 14.68
C ILE A 26 29.92 -18.97 14.97
N SER A 27 29.11 -19.55 14.08
CA SER A 27 28.62 -20.89 14.26
C SER A 27 29.06 -21.87 13.18
N SER A 28 29.67 -21.39 12.09
CA SER A 28 30.16 -22.29 11.06
C SER A 28 31.03 -21.50 10.08
N MET A 29 31.78 -22.25 9.28
CA MET A 29 32.42 -21.73 8.09
C MET A 29 31.62 -22.16 6.86
N GLY A 30 31.70 -21.36 5.80
CA GLY A 30 30.97 -21.67 4.60
C GLY A 30 31.62 -21.05 3.38
N ILE A 31 31.09 -21.41 2.22
CA ILE A 31 31.49 -20.83 0.95
C ILE A 31 30.28 -20.12 0.34
N SER A 32 30.55 -19.32 -0.67
CA SER A 32 29.48 -18.60 -1.34
C SER A 32 28.80 -19.50 -2.36
N PRO A 33 27.55 -19.22 -2.71
CA PRO A 33 26.91 -19.92 -3.82
C PRO A 33 27.71 -19.75 -5.10
N ASP A 34 27.46 -20.66 -6.05
CA ASP A 34 28.17 -20.61 -7.33
C ASP A 34 27.94 -19.29 -8.05
N ASN A 35 26.76 -18.69 -7.91
CA ASN A 35 26.43 -17.46 -8.62
C ASN A 35 26.93 -16.21 -7.90
N VAL A 36 27.75 -16.35 -6.87
CA VAL A 36 28.37 -15.21 -6.19
C VAL A 36 29.85 -15.25 -6.55
N GLN A 37 30.24 -14.42 -7.52
CA GLN A 37 31.60 -14.41 -8.01
C GLN A 37 32.52 -13.51 -7.21
N SER A 38 31.98 -12.67 -6.33
CA SER A 38 32.79 -11.76 -5.55
C SER A 38 31.92 -11.16 -4.45
N VAL A 39 32.58 -10.62 -3.44
CA VAL A 39 31.91 -9.88 -2.38
C VAL A 39 32.61 -8.53 -2.24
N GLN A 40 31.89 -7.58 -1.65
CA GLN A 40 32.44 -6.25 -1.40
C GLN A 40 31.96 -5.75 -0.04
N PHE A 41 32.03 -6.61 0.97
CA PHE A 41 31.64 -6.23 2.33
C PHE A 41 32.40 -4.98 2.75
N GLN A 42 31.71 -4.08 3.45
CA GLN A 42 32.32 -2.85 3.93
C GLN A 42 32.78 -2.95 5.38
N ASN A 43 32.13 -3.80 6.17
CA ASN A 43 32.61 -4.14 7.50
C ASN A 43 33.34 -5.47 7.45
N GLY A 44 34.10 -5.74 8.50
CA GLY A 44 34.91 -6.95 8.53
C GLY A 44 36.03 -6.96 7.51
N ARG A 45 36.63 -5.81 7.25
CA ARG A 45 37.69 -5.67 6.25
C ARG A 45 38.94 -5.15 6.93
N CYS A 46 40.02 -5.93 6.88
CA CYS A 46 41.28 -5.54 7.47
C CYS A 46 42.40 -6.29 6.75
N THR A 47 43.41 -5.55 6.30
CA THR A 47 44.54 -6.18 5.65
C THR A 47 45.36 -6.99 6.65
N LEU A 48 46.25 -7.83 6.11
CA LEU A 48 47.04 -8.69 6.98
C LEU A 48 48.06 -7.91 7.80
N ASP A 49 48.49 -6.74 7.32
CA ASP A 49 49.36 -5.89 8.11
C ASP A 49 48.60 -4.86 8.94
N GLY A 50 47.28 -5.02 9.06
CA GLY A 50 46.54 -4.29 10.07
C GLY A 50 45.89 -2.99 9.65
N ARG A 51 45.64 -2.79 8.37
CA ARG A 51 44.96 -1.57 7.91
C ARG A 51 43.47 -1.83 7.82
N LEU A 52 42.68 -1.06 8.57
CA LEU A 52 41.23 -1.17 8.48
C LEU A 52 40.74 -0.61 7.15
N VAL A 53 39.72 -1.24 6.59
CA VAL A 53 39.22 -0.89 5.27
C VAL A 53 37.70 -0.71 5.35
N GLY A 54 37.18 0.13 4.47
CA GLY A 54 35.75 0.37 4.43
C GLY A 54 35.29 1.09 5.69
N THR A 55 34.19 0.60 6.26
CA THR A 55 33.67 1.13 7.51
C THR A 55 34.06 0.27 8.70
N THR A 56 35.06 -0.59 8.56
CA THR A 56 35.41 -1.56 9.59
C THR A 56 35.95 -0.86 10.83
N PRO A 57 35.41 -1.14 12.01
CA PRO A 57 36.01 -0.65 13.24
C PRO A 57 36.93 -1.69 13.88
N VAL A 58 37.72 -1.23 14.84
CA VAL A 58 38.57 -2.14 15.60
C VAL A 58 37.72 -3.08 16.45
N SER A 59 36.63 -2.56 17.02
CA SER A 59 35.92 -3.22 18.09
C SER A 59 34.50 -3.60 17.66
N LEU A 60 34.04 -4.76 18.15
CA LEU A 60 32.67 -5.18 17.91
C LEU A 60 31.65 -4.24 18.52
N SER A 61 32.03 -3.44 19.52
CA SER A 61 31.11 -2.46 20.10
C SER A 61 30.71 -1.38 19.10
N HIS A 62 31.36 -1.32 17.94
CA HIS A 62 30.98 -0.39 16.88
C HIS A 62 30.27 -1.06 15.72
N VAL A 63 30.19 -2.39 15.71
CA VAL A 63 29.79 -3.12 14.50
C VAL A 63 28.27 -3.09 14.35
N ALA A 64 27.82 -2.76 13.14
CA ALA A 64 26.40 -2.76 12.78
C ALA A 64 25.60 -1.80 13.67
N LYS A 65 26.16 -0.61 13.87
CA LYS A 65 25.54 0.41 14.69
C LYS A 65 25.44 1.72 13.93
N ILE A 66 24.50 2.56 14.35
CA ILE A 66 24.36 3.91 13.82
C ILE A 66 24.20 4.87 14.99
N ARG A 67 24.45 6.14 14.71
CA ARG A 67 24.20 7.20 15.68
C ARG A 67 23.84 8.47 14.92
N GLY A 68 22.80 9.15 15.40
CA GLY A 68 22.40 10.38 14.77
C GLY A 68 21.25 11.03 15.50
N THR A 69 20.86 12.20 15.00
CA THR A 69 19.76 12.98 15.55
C THR A 69 18.61 12.96 14.54
N SER A 70 17.46 12.43 14.97
CA SER A 70 16.26 12.48 14.16
C SER A 70 15.57 13.83 14.36
N ASN A 71 14.96 14.34 13.29
CA ASN A 71 14.04 15.45 13.39
C ASN A 71 12.60 15.03 13.09
N GLY A 72 12.35 13.72 13.04
CA GLY A 72 11.07 13.18 12.65
C GLY A 72 10.97 12.80 11.19
N THR A 73 11.77 13.41 10.32
CA THR A 73 11.79 13.11 8.90
C THR A 73 13.07 12.42 8.46
N VAL A 74 14.23 12.93 8.88
CA VAL A 74 15.51 12.30 8.58
C VAL A 74 16.30 12.14 9.87
N ILE A 75 17.26 11.21 9.84
CA ILE A 75 18.26 11.07 10.88
C ILE A 75 19.58 11.55 10.30
N ASN A 76 20.15 12.59 10.90
CA ASN A 76 21.45 13.10 10.49
C ASN A 76 22.54 12.38 11.27
N LEU A 77 23.38 11.63 10.56
CA LEU A 77 24.29 10.68 11.17
C LEU A 77 25.58 11.34 11.65
N THR A 78 26.20 10.72 12.64
CA THR A 78 27.54 11.05 13.10
C THR A 78 28.29 9.74 13.29
N GLU A 79 29.58 9.85 13.65
CA GLU A 79 30.26 8.68 14.16
C GLU A 79 29.65 8.27 15.50
N LEU A 80 29.96 7.05 15.94
CA LEU A 80 29.30 6.51 17.11
C LEU A 80 29.63 7.29 18.38
N ASP A 81 30.78 7.95 18.42
CA ASP A 81 31.11 8.80 19.56
C ASP A 81 30.51 10.20 19.46
N GLY A 82 29.75 10.49 18.40
CA GLY A 82 29.13 11.78 18.23
C GLY A 82 29.90 12.77 17.38
N THR A 83 31.17 12.48 17.06
CA THR A 83 31.95 13.37 16.23
C THR A 83 31.46 13.32 14.78
N PRO A 84 31.69 14.38 14.00
CA PRO A 84 31.09 14.45 12.66
C PRO A 84 31.63 13.39 11.72
N PHE A 85 30.74 12.93 10.85
CA PHE A 85 31.11 12.07 9.73
C PHE A 85 31.35 12.93 8.49
N HIS A 86 32.42 12.62 7.76
CA HIS A 86 32.74 13.34 6.55
C HIS A 86 32.75 12.38 5.37
N PRO A 87 32.02 12.70 4.29
CA PRO A 87 31.88 11.74 3.18
C PRO A 87 33.20 11.23 2.59
N PHE A 88 34.27 12.03 2.60
CA PHE A 88 35.50 11.57 1.97
C PHE A 88 36.19 10.46 2.74
N GLU A 89 35.71 10.11 3.93
CA GLU A 89 36.35 9.06 4.71
C GLU A 89 35.86 7.67 4.33
N GLY A 90 34.64 7.57 3.81
CA GLY A 90 34.08 6.28 3.44
C GLY A 90 32.65 6.38 2.97
N PRO A 91 32.00 5.23 2.77
CA PRO A 91 30.61 5.24 2.27
C PRO A 91 29.57 5.49 3.35
N ALA A 92 29.95 5.48 4.62
CA ALA A 92 29.06 5.67 5.75
C ALA A 92 29.91 5.84 7.00
N PRO A 93 29.35 6.25 8.13
CA PRO A 93 30.14 6.30 9.37
C PRO A 93 30.71 4.93 9.71
N ILE A 94 31.78 4.95 10.50
CA ILE A 94 32.42 3.70 10.91
C ILE A 94 31.40 2.83 11.64
N GLY A 95 31.39 1.54 11.30
CA GLY A 95 30.51 0.58 11.93
C GLY A 95 29.11 0.51 11.35
N PHE A 96 28.75 1.43 10.45
CA PHE A 96 27.42 1.43 9.85
C PHE A 96 27.13 0.06 9.23
N PRO A 97 25.91 -0.45 9.38
CA PRO A 97 25.59 -1.79 8.85
C PRO A 97 25.82 -1.86 7.35
N ASP A 98 26.30 -3.04 6.91
CA ASP A 98 26.63 -3.25 5.51
C ASP A 98 25.89 -4.44 4.91
N LEU A 99 24.77 -4.84 5.53
CA LEU A 99 24.01 -5.99 5.04
C LEU A 99 23.09 -5.54 3.91
N GLY A 100 23.43 -5.95 2.69
CA GLY A 100 22.56 -5.74 1.56
C GLY A 100 21.46 -6.79 1.49
N GLY A 101 20.58 -6.60 0.52
CA GLY A 101 19.53 -7.58 0.26
C GLY A 101 18.64 -7.90 1.44
N CYS A 102 18.25 -6.88 2.21
CA CYS A 102 17.36 -7.09 3.35
C CYS A 102 16.94 -5.72 3.88
N ASP A 103 15.77 -5.70 4.51
CA ASP A 103 15.41 -4.60 5.39
C ASP A 103 16.10 -4.80 6.73
N TRP A 104 16.46 -3.69 7.37
CA TRP A 104 17.04 -3.74 8.70
C TRP A 104 16.00 -3.38 9.74
N HIS A 105 16.18 -3.92 10.93
CA HIS A 105 15.39 -3.53 12.09
C HIS A 105 16.37 -3.26 13.21
N ILE A 106 16.56 -1.98 13.52
CA ILE A 106 17.63 -1.52 14.40
C ILE A 106 16.99 -1.09 15.71
N ASN A 107 17.58 -1.51 16.83
CA ASN A 107 17.10 -1.17 18.15
C ASN A 107 17.70 0.17 18.57
N MET A 108 16.84 1.16 18.78
CA MET A 108 17.26 2.53 19.08
C MET A 108 17.15 2.81 20.57
N THR A 109 18.24 3.31 21.15
CA THR A 109 18.23 3.74 22.55
C THR A 109 18.86 5.12 22.65
N GLN A 110 18.70 5.74 23.82
CA GLN A 110 19.18 7.10 24.04
C GLN A 110 19.84 7.21 25.41
N PHE A 111 20.90 8.01 25.46
CA PHE A 111 21.50 8.35 26.74
C PHE A 111 20.62 9.36 27.46
N GLY A 112 20.23 9.05 28.69
CA GLY A 112 19.41 9.93 29.49
C GLY A 112 17.91 9.74 29.35
N HIS A 113 17.47 8.80 28.51
CA HIS A 113 16.04 8.52 28.33
C HIS A 113 15.78 7.05 28.51
N SER A 114 14.53 6.75 28.89
CA SER A 114 14.04 5.37 29.10
C SER A 114 13.35 4.84 27.84
N SER A 115 13.50 3.54 27.59
CA SER A 115 12.88 2.88 26.44
C SER A 115 13.75 2.65 25.20
N GLN A 116 13.30 1.71 24.37
CA GLN A 116 13.96 1.32 23.14
C GLN A 116 12.93 1.43 22.03
N THR A 117 13.39 1.77 20.83
CA THR A 117 12.47 1.93 19.70
C THR A 117 13.02 1.18 18.51
N GLN A 118 12.16 0.41 17.83
CA GLN A 118 12.59 -0.31 16.65
C GLN A 118 12.54 0.62 15.44
N TYR A 119 13.64 0.65 14.69
CA TYR A 119 13.77 1.48 13.50
C TYR A 119 13.83 0.56 12.29
N ASP A 120 12.80 0.63 11.43
CA ASP A 120 12.70 -0.22 10.26
C ASP A 120 13.31 0.50 9.06
N VAL A 121 14.27 -0.13 8.41
CA VAL A 121 15.10 0.51 7.39
C VAL A 121 14.93 -0.23 6.08
N ASP A 122 14.32 0.43 5.10
CA ASP A 122 14.43 0.05 3.70
C ASP A 122 15.58 0.86 3.11
N THR A 123 16.61 0.16 2.60
CA THR A 123 17.84 0.81 2.17
C THR A 123 17.84 1.18 0.69
N THR A 124 16.71 1.06 0.01
CA THR A 124 16.60 1.33 -1.41
C THR A 124 16.11 2.74 -1.81
N PRO A 125 15.31 3.46 -1.02
CA PRO A 125 14.72 4.70 -1.55
C PRO A 125 15.74 5.84 -1.58
N ASP A 126 15.33 6.94 -2.21
CA ASP A 126 16.24 8.06 -2.43
C ASP A 126 16.52 8.83 -1.15
N THR A 127 15.83 8.53 -0.04
CA THR A 127 16.14 9.14 1.24
C THR A 127 17.20 8.37 2.03
N PHE A 128 17.59 7.18 1.58
CA PHE A 128 18.63 6.41 2.25
C PHE A 128 19.97 6.77 1.60
N VAL A 129 20.63 7.77 2.16
CA VAL A 129 21.91 8.22 1.63
C VAL A 129 22.91 8.34 2.78
N PRO A 130 23.38 7.22 3.35
CA PRO A 130 24.33 7.32 4.47
C PRO A 130 25.66 7.96 4.08
N HIS A 131 26.04 7.91 2.79
CA HIS A 131 27.27 8.57 2.36
C HIS A 131 27.17 10.08 2.50
N LEU A 132 25.96 10.64 2.47
CA LEU A 132 25.75 12.04 2.76
C LEU A 132 25.31 12.26 4.21
N GLY A 133 25.38 11.23 5.04
CA GLY A 133 25.06 11.36 6.45
C GLY A 133 23.60 11.53 6.75
N SER A 134 22.72 11.03 5.87
CA SER A 134 21.29 11.27 6.00
C SER A 134 20.51 10.03 5.58
N ILE A 135 19.65 9.55 6.47
CA ILE A 135 18.73 8.44 6.17
C ILE A 135 17.37 8.78 6.74
N GLN A 136 16.32 8.20 6.14
CA GLN A 136 14.96 8.52 6.53
C GLN A 136 14.69 8.08 7.98
N ALA A 137 13.94 8.92 8.70
CA ALA A 137 13.63 8.61 10.09
C ALA A 137 12.59 7.49 10.19
N ASN A 138 11.68 7.41 9.22
CA ASN A 138 10.61 6.40 9.20
C ASN A 138 9.90 6.29 10.55
N GLY A 139 9.43 7.42 11.03
CA GLY A 139 8.64 7.47 12.24
C GLY A 139 9.43 7.61 13.53
N ILE A 140 10.76 7.53 13.48
CA ILE A 140 11.56 7.75 14.69
C ILE A 140 11.45 9.22 15.08
N GLY A 141 10.94 9.47 16.28
CA GLY A 141 10.75 10.82 16.75
C GLY A 141 12.06 11.56 16.99
N SER A 142 11.94 12.87 17.14
CA SER A 142 13.11 13.72 17.32
C SER A 142 13.91 13.31 18.54
N GLY A 143 15.23 13.39 18.41
CA GLY A 143 16.12 13.04 19.50
C GLY A 143 17.40 12.42 18.97
N ASN A 144 18.37 12.30 19.87
CA ASN A 144 19.63 11.64 19.56
C ASN A 144 19.54 10.17 19.96
N TYR A 145 19.99 9.29 19.08
CA TYR A 145 19.89 7.86 19.29
C TYR A 145 21.20 7.17 18.96
N VAL A 146 21.44 6.05 19.63
CA VAL A 146 22.37 5.02 19.18
C VAL A 146 21.53 3.80 18.82
N GLY A 147 21.79 3.23 17.65
CA GLY A 147 21.07 2.06 17.20
C GLY A 147 22.03 0.92 16.92
N VAL A 148 21.56 -0.30 17.18
CA VAL A 148 22.30 -1.53 16.85
C VAL A 148 21.37 -2.43 16.06
N LEU A 149 21.90 -3.03 14.99
CA LEU A 149 21.12 -3.97 14.20
C LEU A 149 20.65 -5.12 15.08
N SER A 150 19.34 -5.40 15.02
CA SER A 150 18.70 -6.39 15.89
C SER A 150 18.18 -7.60 15.14
N TRP A 151 17.45 -7.38 14.04
CA TRP A 151 17.00 -8.46 13.19
C TRP A 151 16.74 -7.92 11.79
N ILE A 152 16.64 -8.83 10.83
CA ILE A 152 16.45 -8.47 9.43
C ILE A 152 15.23 -9.21 8.88
N SER A 153 14.82 -8.79 7.69
CA SER A 153 13.68 -9.35 7.00
C SER A 153 13.89 -9.12 5.51
N PRO A 154 13.07 -9.75 4.66
CA PRO A 154 13.24 -9.54 3.22
C PRO A 154 13.14 -8.07 2.86
N PRO A 155 13.80 -7.67 1.77
CA PRO A 155 13.69 -6.26 1.34
C PRO A 155 12.25 -5.89 1.02
N SER A 156 11.87 -4.68 1.41
CA SER A 156 10.58 -4.15 0.97
C SER A 156 10.57 -3.91 -0.53
N HIS A 157 11.73 -3.68 -1.12
CA HIS A 157 11.83 -3.40 -2.54
C HIS A 157 13.13 -3.98 -3.11
N PRO A 158 13.03 -4.74 -4.22
CA PRO A 158 11.81 -5.07 -4.95
C PRO A 158 10.93 -6.07 -4.19
N SER A 159 9.62 -5.95 -4.36
CA SER A 159 8.70 -6.89 -3.72
C SER A 159 9.02 -8.31 -4.16
N GLY A 160 8.90 -9.25 -3.23
CA GLY A 160 9.21 -10.64 -3.50
C GLY A 160 10.66 -11.01 -3.41
N SER A 161 11.55 -10.05 -3.11
CA SER A 161 12.96 -10.36 -2.98
C SER A 161 13.21 -11.28 -1.78
N GLN A 162 14.23 -12.12 -1.91
CA GLN A 162 14.69 -12.92 -0.79
C GLN A 162 15.80 -12.18 -0.05
N VAL A 163 16.02 -12.58 1.20
CA VAL A 163 17.19 -12.10 1.93
C VAL A 163 18.44 -12.64 1.25
N ASP A 164 19.38 -11.75 0.95
CA ASP A 164 20.63 -12.11 0.27
C ASP A 164 21.75 -11.30 0.92
N LEU A 165 22.42 -11.89 1.91
CA LEU A 165 23.44 -11.20 2.68
C LEU A 165 24.81 -11.24 2.02
N TRP A 166 24.92 -11.78 0.81
CA TRP A 166 26.14 -11.62 0.02
C TRP A 166 26.26 -10.21 -0.57
N LYS A 167 25.19 -9.41 -0.47
CA LYS A 167 25.14 -8.07 -1.00
C LYS A 167 25.53 -7.05 0.06
N ILE A 168 25.87 -5.85 -0.41
CA ILE A 168 25.99 -4.67 0.44
C ILE A 168 24.88 -3.70 0.03
N PRO A 169 24.46 -2.78 0.88
CA PRO A 169 23.44 -1.81 0.48
C PRO A 169 24.01 -0.77 -0.47
N ASN A 170 23.09 -0.04 -1.10
CA ASN A 170 23.43 1.13 -1.91
C ASN A 170 23.60 2.31 -0.95
N TYR A 171 24.83 2.80 -0.82
CA TYR A 171 25.13 3.86 0.14
C TYR A 171 24.93 5.26 -0.43
N GLY A 172 25.05 5.43 -1.75
CA GLY A 172 24.95 6.74 -2.37
C GLY A 172 23.52 7.14 -2.65
N SER A 173 23.38 8.28 -3.30
CA SER A 173 22.06 8.79 -3.68
C SER A 173 21.71 8.31 -5.09
N SER A 174 20.47 8.58 -5.52
CA SER A 174 20.05 8.24 -6.87
C SER A 174 20.81 9.02 -7.94
N ILE A 175 21.78 9.88 -7.57
CA ILE A 175 22.51 10.69 -8.54
C ILE A 175 24.00 10.67 -8.24
N THR A 176 24.37 10.59 -6.96
CA THR A 176 25.75 10.62 -6.53
C THR A 176 26.14 9.30 -5.88
N GLU A 177 27.26 8.71 -6.31
CA GLU A 177 27.69 7.40 -5.84
C GLU A 177 28.50 7.52 -4.55
N ALA A 178 28.33 6.54 -3.67
CA ALA A 178 29.17 6.46 -2.48
C ALA A 178 30.61 6.20 -2.88
N THR A 179 31.52 7.02 -2.37
CA THR A 179 32.94 6.89 -2.66
C THR A 179 33.64 6.14 -1.53
N HIS A 180 34.88 5.74 -1.81
CA HIS A 180 35.77 5.13 -0.81
C HIS A 180 35.19 3.83 -0.26
N LEU A 181 34.52 3.08 -1.12
CA LEU A 181 34.17 1.71 -0.77
C LEU A 181 35.42 0.87 -0.63
N ALA A 182 35.41 -0.06 0.31
CA ALA A 182 36.41 -1.10 0.31
C ALA A 182 36.34 -1.85 -1.02
N PRO A 183 37.47 -2.29 -1.57
CA PRO A 183 37.43 -2.92 -2.90
C PRO A 183 36.80 -4.31 -2.83
N SER A 184 36.45 -4.82 -4.01
CA SER A 184 35.88 -6.16 -4.09
C SER A 184 36.94 -7.20 -3.74
N VAL A 185 36.45 -8.38 -3.34
CA VAL A 185 37.30 -9.52 -3.02
C VAL A 185 36.89 -10.67 -3.93
N TYR A 186 37.87 -11.22 -4.65
CA TYR A 186 37.58 -12.27 -5.62
C TYR A 186 38.23 -13.58 -5.21
N PRO A 187 37.65 -14.71 -5.60
CA PRO A 187 38.35 -15.99 -5.48
C PRO A 187 39.62 -15.96 -6.30
N PRO A 188 40.74 -16.43 -5.73
CA PRO A 188 42.01 -16.39 -6.48
C PRO A 188 42.01 -17.29 -7.70
N GLY A 189 41.16 -18.30 -7.75
CA GLY A 189 41.11 -19.21 -8.87
C GLY A 189 41.91 -20.48 -8.63
N PHE A 190 42.02 -21.27 -9.70
CA PHE A 190 42.63 -22.60 -9.69
C PHE A 190 42.24 -23.39 -8.44
N GLY A 191 40.93 -23.48 -8.21
CA GLY A 191 40.38 -24.30 -7.15
C GLY A 191 40.12 -23.57 -5.85
N GLU A 192 40.85 -22.48 -5.59
CA GLU A 192 40.68 -21.75 -4.34
C GLU A 192 39.41 -20.92 -4.37
N VAL A 193 38.62 -21.02 -3.30
CA VAL A 193 37.41 -20.23 -3.15
C VAL A 193 37.50 -19.44 -1.85
N LEU A 194 36.73 -18.37 -1.76
CA LEU A 194 36.73 -17.56 -0.55
C LEU A 194 36.10 -18.33 0.60
N VAL A 195 36.67 -18.16 1.79
CA VAL A 195 36.15 -18.77 3.02
C VAL A 195 35.43 -17.70 3.82
N PHE A 196 34.20 -18.00 4.23
CA PHE A 196 33.38 -17.07 4.98
C PHE A 196 33.07 -17.63 6.36
N PHE A 197 32.97 -16.73 7.33
CA PHE A 197 32.64 -17.09 8.70
C PHE A 197 31.19 -16.69 8.96
N MET A 198 30.36 -17.69 9.25
CA MET A 198 28.91 -17.54 9.22
C MET A 198 28.34 -17.34 10.62
N SER A 199 27.22 -16.62 10.68
CA SER A 199 26.48 -16.43 11.92
C SER A 199 24.99 -16.47 11.61
N LYS A 200 24.21 -17.01 12.54
CA LYS A 200 22.76 -17.03 12.40
C LYS A 200 22.20 -15.67 12.78
N MET A 201 21.41 -15.09 11.88
CA MET A 201 20.82 -13.78 12.08
C MET A 201 19.34 -13.91 12.38
N PRO A 202 18.84 -13.43 13.51
CA PRO A 202 17.41 -13.50 13.78
C PRO A 202 16.58 -12.76 12.73
N GLY A 203 15.35 -13.22 12.54
CA GLY A 203 14.48 -12.74 11.50
C GLY A 203 13.59 -13.86 11.00
N PRO A 204 12.57 -13.53 10.21
CA PRO A 204 11.59 -14.56 9.81
C PRO A 204 12.12 -15.51 8.75
N GLY A 205 13.31 -16.05 8.94
CA GLY A 205 13.87 -17.01 8.01
C GLY A 205 15.12 -17.62 8.60
N ALA A 206 15.71 -18.55 7.83
CA ALA A 206 16.97 -19.19 8.24
C ALA A 206 18.15 -18.40 7.66
N TYR A 207 18.36 -17.22 8.25
CA TYR A 207 19.32 -16.26 7.73
C TYR A 207 20.72 -16.55 8.25
N ASN A 208 21.69 -16.56 7.34
CA ASN A 208 23.09 -16.82 7.68
C ASN A 208 23.94 -15.66 7.15
N LEU A 209 24.66 -15.00 8.05
CA LEU A 209 25.42 -13.81 7.71
C LEU A 209 26.87 -14.16 7.50
N PRO A 210 27.42 -13.99 6.30
CA PRO A 210 28.83 -14.29 6.06
C PRO A 210 29.72 -13.07 6.25
N CYS A 211 30.94 -13.32 6.72
CA CYS A 211 31.94 -12.27 6.82
C CYS A 211 33.31 -12.86 6.51
N LEU A 212 34.24 -11.98 6.15
CA LEU A 212 35.54 -12.43 5.68
C LEU A 212 36.51 -12.75 6.82
N LEU A 213 36.34 -12.09 7.97
CA LEU A 213 37.23 -12.27 9.10
C LEU A 213 36.44 -12.16 10.40
N PRO A 214 36.74 -12.99 11.39
CA PRO A 214 36.18 -12.76 12.72
C PRO A 214 36.63 -11.40 13.25
N GLN A 215 35.75 -10.77 14.03
CA GLN A 215 36.09 -9.46 14.56
C GLN A 215 37.35 -9.51 15.42
N GLU A 216 37.54 -10.60 16.17
CA GLU A 216 38.73 -10.72 17.01
C GLU A 216 40.00 -10.86 16.19
N TYR A 217 39.92 -11.42 14.98
CA TYR A 217 41.06 -11.39 14.08
C TYR A 217 41.42 -9.96 13.71
N ILE A 218 40.41 -9.11 13.51
CA ILE A 218 40.64 -7.76 13.00
C ILE A 218 41.38 -6.91 14.04
N SER A 219 40.91 -6.94 15.29
CA SER A 219 41.59 -6.17 16.33
C SER A 219 42.97 -6.76 16.67
N HIS A 220 43.17 -8.05 16.41
CA HIS A 220 44.51 -8.62 16.54
C HIS A 220 45.43 -8.09 15.46
N LEU A 221 44.98 -8.11 14.21
CA LEU A 221 45.79 -7.62 13.10
C LEU A 221 46.06 -6.13 13.22
N ALA A 222 45.04 -5.35 13.62
CA ALA A 222 45.22 -3.92 13.81
C ALA A 222 46.25 -3.63 14.91
N SER A 223 46.30 -4.48 15.94
CA SER A 223 47.28 -4.28 17.01
C SER A 223 48.67 -4.70 16.57
N GLU A 224 48.77 -5.87 15.93
CA GLU A 224 50.09 -6.43 15.61
C GLU A 224 50.79 -5.65 14.51
N GLN A 225 50.06 -5.36 13.43
CA GLN A 225 50.63 -4.67 12.26
C GLN A 225 51.87 -5.38 11.75
N ALA A 226 51.77 -6.70 11.63
CA ALA A 226 52.90 -7.49 11.17
C ALA A 226 53.11 -7.26 9.68
N PRO A 227 54.32 -6.90 9.26
CA PRO A 227 54.59 -6.71 7.82
C PRO A 227 54.23 -7.95 7.02
N THR A 228 53.55 -7.75 5.92
CA THR A 228 53.15 -8.81 5.05
C THR A 228 54.37 -9.20 4.24
N VAL A 229 55.05 -10.23 4.68
CA VAL A 229 56.28 -10.71 4.10
C VAL A 229 56.17 -11.41 2.75
N GLY A 230 55.10 -12.12 2.51
CA GLY A 230 54.91 -12.81 1.26
C GLY A 230 53.64 -12.46 0.55
N GLU A 231 53.40 -13.15 -0.53
CA GLU A 231 52.19 -12.92 -1.32
C GLU A 231 50.96 -13.58 -0.72
N ALA A 232 51.15 -14.57 0.15
CA ALA A 232 50.05 -15.23 0.82
C ALA A 232 50.59 -15.96 2.04
N ALA A 233 49.74 -16.08 3.06
CA ALA A 233 50.10 -16.76 4.29
C ALA A 233 49.49 -18.15 4.30
N LEU A 234 50.35 -19.18 4.24
CA LEU A 234 49.88 -20.55 4.40
C LEU A 234 49.51 -20.80 5.85
N LEU A 235 48.30 -21.34 6.06
CA LEU A 235 47.80 -21.62 7.39
C LEU A 235 47.35 -23.07 7.49
N HIS A 236 47.35 -23.58 8.71
CA HIS A 236 46.71 -24.84 9.06
C HIS A 236 45.52 -24.56 9.96
N TYR A 237 44.41 -25.22 9.68
CA TYR A 237 43.27 -25.26 10.59
C TYR A 237 43.46 -26.48 11.48
N VAL A 238 43.80 -26.26 12.75
CA VAL A 238 44.22 -27.34 13.63
C VAL A 238 43.17 -27.58 14.70
N ASP A 239 43.02 -28.84 15.08
CA ASP A 239 42.19 -29.20 16.21
C ASP A 239 42.86 -28.69 17.49
N PRO A 240 42.14 -27.97 18.35
CA PRO A 240 42.78 -27.40 19.53
C PRO A 240 43.19 -28.45 20.56
N ASP A 241 42.47 -29.58 20.61
CA ASP A 241 42.75 -30.57 21.64
C ASP A 241 43.89 -31.51 21.26
N THR A 242 44.04 -31.82 19.97
CA THR A 242 45.08 -32.74 19.53
C THR A 242 46.21 -32.07 18.75
N GLY A 243 46.02 -30.84 18.26
CA GLY A 243 46.97 -30.23 17.37
C GLY A 243 46.96 -30.77 15.96
N ARG A 244 46.08 -31.72 15.66
CA ARG A 244 46.00 -32.32 14.35
C ARG A 244 45.65 -31.29 13.29
N ASN A 245 46.34 -31.35 12.15
CA ASN A 245 46.07 -30.45 11.04
C ASN A 245 44.85 -30.96 10.28
N LEU A 246 43.81 -30.13 10.24
CA LEU A 246 42.55 -30.50 9.59
C LEU A 246 42.44 -29.97 8.16
N GLY A 247 43.33 -29.09 7.74
CA GLY A 247 43.32 -28.59 6.37
C GLY A 247 44.21 -27.38 6.16
N GLU A 248 44.67 -27.20 4.93
CA GLU A 248 45.49 -26.03 4.57
C GLU A 248 44.62 -24.91 4.02
N PHE A 249 44.93 -23.69 4.42
CA PHE A 249 44.26 -22.49 3.95
C PHE A 249 45.32 -21.44 3.60
N LYS A 250 44.91 -20.46 2.81
CA LYS A 250 45.76 -19.32 2.49
C LYS A 250 45.04 -18.04 2.90
N ALA A 251 45.78 -17.15 3.56
CA ALA A 251 45.32 -15.81 3.89
C ALA A 251 46.02 -14.83 2.97
N TYR A 252 45.25 -13.91 2.39
CA TYR A 252 45.78 -13.01 1.37
C TYR A 252 45.89 -11.59 1.90
N PRO A 253 46.84 -10.80 1.37
CA PRO A 253 47.12 -9.47 1.97
C PRO A 253 45.92 -8.57 2.14
N ASP A 254 44.95 -8.59 1.20
CA ASP A 254 43.79 -7.72 1.34
C ASP A 254 42.91 -8.10 2.53
N GLY A 255 43.09 -9.30 3.08
CA GLY A 255 42.39 -9.68 4.28
C GLY A 255 41.26 -10.67 4.08
N PHE A 256 41.57 -11.84 3.53
CA PHE A 256 40.58 -12.89 3.36
C PHE A 256 41.29 -14.24 3.29
N LEU A 257 40.53 -15.30 3.52
CA LEU A 257 41.05 -16.65 3.53
C LEU A 257 40.45 -17.46 2.40
N THR A 258 41.22 -18.43 1.91
CA THR A 258 40.77 -19.34 0.87
C THR A 258 41.14 -20.77 1.24
N CYS A 259 40.47 -21.70 0.58
CA CYS A 259 40.83 -23.12 0.62
C CYS A 259 40.43 -23.73 -0.71
N VAL A 260 40.82 -24.99 -0.90
CA VAL A 260 40.43 -25.71 -2.11
C VAL A 260 39.42 -26.79 -1.72
N PRO A 261 38.16 -26.59 -1.97
CA PRO A 261 37.20 -27.63 -1.64
C PRO A 261 37.20 -28.72 -2.68
N ASN A 262 36.89 -29.92 -2.27
CA ASN A 262 36.84 -31.06 -3.18
C ASN A 262 35.42 -31.54 -3.41
N ALA A 264 30.91 -29.77 -3.70
CA ALA A 264 31.54 -30.65 -2.77
C ALA A 264 31.06 -30.50 -1.33
N SER A 265 30.94 -31.65 -0.70
CA SER A 265 30.49 -31.84 0.65
C SER A 265 31.72 -32.03 1.50
N SER A 266 32.83 -31.47 1.05
CA SER A 266 34.09 -31.51 1.74
C SER A 266 34.78 -30.17 1.48
N GLY A 267 34.18 -29.14 2.06
CA GLY A 267 34.62 -27.78 2.00
C GLY A 267 34.69 -27.38 3.46
N PRO A 268 34.98 -26.13 3.75
CA PRO A 268 35.12 -25.66 5.14
C PRO A 268 33.88 -25.87 6.00
N GLN A 269 32.68 -25.97 5.40
CA GLN A 269 31.49 -26.25 6.21
C GLN A 269 31.51 -27.65 6.80
N GLN A 270 32.22 -28.60 6.18
CA GLN A 270 32.34 -29.95 6.72
C GLN A 270 33.40 -30.07 7.80
N LEU A 271 34.17 -29.03 8.03
CA LEU A 271 35.16 -29.05 9.10
C LEU A 271 34.50 -28.70 10.43
N PRO A 272 35.06 -29.13 11.55
CA PRO A 272 34.58 -28.67 12.85
C PRO A 272 34.79 -27.17 12.98
N ILE A 273 33.93 -26.54 13.79
CA ILE A 273 33.97 -25.09 13.96
C ILE A 273 34.75 -24.68 15.21
N ASN A 274 35.23 -25.64 16.00
CA ASN A 274 35.98 -25.34 17.21
C ASN A 274 37.49 -25.39 17.00
N GLY A 275 37.96 -25.26 15.75
CA GLY A 275 39.37 -25.31 15.45
C GLY A 275 40.02 -23.94 15.47
N VAL A 276 41.34 -23.95 15.29
CA VAL A 276 42.17 -22.74 15.39
C VAL A 276 43.01 -22.62 14.12
N PHE A 277 43.05 -21.41 13.56
CA PHE A 277 43.93 -21.14 12.42
C PHE A 277 45.33 -20.79 12.92
N VAL A 278 46.33 -21.41 12.32
CA VAL A 278 47.72 -21.24 12.74
C VAL A 278 48.57 -20.89 11.53
N PHE A 279 49.31 -19.79 11.62
CA PHE A 279 50.21 -19.40 10.54
C PHE A 279 51.36 -20.40 10.43
N VAL A 280 51.64 -20.84 9.21
CA VAL A 280 52.71 -21.80 8.92
C VAL A 280 53.93 -21.10 8.31
N SER A 281 53.74 -20.44 7.17
CA SER A 281 54.83 -19.73 6.50
C SER A 281 54.25 -18.85 5.41
N TRP A 282 55.08 -17.95 4.89
CA TRP A 282 54.74 -17.13 3.73
C TRP A 282 55.06 -17.90 2.46
N VAL A 283 54.12 -17.89 1.50
CA VAL A 283 54.25 -18.64 0.26
C VAL A 283 53.78 -17.79 -0.91
N SER A 284 54.10 -18.26 -2.11
CA SER A 284 53.71 -17.60 -3.36
C SER A 284 52.20 -17.58 -3.52
N ARG A 285 51.72 -16.62 -4.31
CA ARG A 285 50.29 -16.55 -4.65
C ARG A 285 49.77 -17.89 -5.13
N PHE A 286 50.55 -18.57 -5.97
CA PHE A 286 50.12 -19.77 -6.66
C PHE A 286 50.54 -21.04 -5.94
N TYR A 287 50.93 -20.93 -4.68
CA TYR A 287 51.15 -22.12 -3.86
C TYR A 287 49.89 -22.98 -3.88
N GLN A 288 50.06 -24.24 -4.27
CA GLN A 288 48.94 -25.13 -4.51
C GLN A 288 48.54 -25.80 -3.19
N LEU A 289 47.31 -25.55 -2.75
CA LEU A 289 46.81 -26.11 -1.51
C LEU A 289 46.32 -27.54 -1.72
N LYS A 290 46.42 -28.35 -0.68
CA LYS A 290 45.78 -29.64 -0.69
C LYS A 290 44.26 -29.47 -0.53
N PRO A 291 43.45 -30.26 -1.20
CA PRO A 291 42.00 -30.13 -1.05
C PRO A 291 41.56 -30.44 0.37
N VAL A 292 40.49 -29.76 0.80
CA VAL A 292 39.96 -29.97 2.14
C VAL A 292 39.48 -31.41 2.27
N GLY A 293 39.95 -32.09 3.32
CA GLY A 293 39.70 -33.51 3.53
C GLY A 293 40.87 -34.39 3.12
N THR A 294 41.78 -33.87 2.31
CA THR A 294 42.91 -34.66 1.80
C THR A 294 44.23 -34.15 2.37
N GLN B 3 -11.90 -8.02 -19.69
CA GLN B 3 -10.66 -8.77 -19.87
C GLN B 3 -10.29 -9.50 -18.56
N LEU B 4 -10.74 -8.95 -17.44
CA LEU B 4 -10.81 -9.65 -16.18
C LEU B 4 -12.29 -9.85 -15.88
N VAL B 5 -12.75 -11.10 -15.92
CA VAL B 5 -14.17 -11.42 -15.79
C VAL B 5 -14.41 -11.93 -14.37
N GLN B 6 -15.21 -11.19 -13.61
CA GLN B 6 -15.53 -11.54 -12.24
C GLN B 6 -16.87 -12.25 -12.15
N SER B 7 -17.06 -12.95 -11.03
CA SER B 7 -18.30 -13.68 -10.80
C SER B 7 -19.40 -12.72 -10.33
N GLY B 8 -20.62 -13.26 -10.26
CA GLY B 8 -21.79 -12.44 -10.00
C GLY B 8 -21.90 -11.99 -8.55
N ALA B 9 -22.84 -11.08 -8.33
CA ALA B 9 -23.08 -10.53 -7.00
C ALA B 9 -23.51 -11.63 -6.04
N GLU B 10 -23.20 -11.44 -4.76
CA GLU B 10 -23.48 -12.43 -3.73
C GLU B 10 -24.08 -11.76 -2.50
N VAL B 11 -24.97 -12.49 -1.84
CA VAL B 11 -25.53 -12.10 -0.55
C VAL B 11 -25.12 -13.16 0.46
N LYS B 12 -24.51 -12.73 1.56
CA LYS B 12 -24.03 -13.64 2.58
C LYS B 12 -24.52 -13.18 3.95
N LYS B 13 -24.78 -14.14 4.81
CA LYS B 13 -25.15 -13.83 6.18
C LYS B 13 -23.89 -13.56 7.02
N PRO B 14 -24.01 -12.76 8.07
CA PRO B 14 -22.84 -12.50 8.92
C PRO B 14 -22.27 -13.79 9.48
N GLY B 15 -20.93 -13.90 9.43
CA GLY B 15 -20.24 -15.07 9.90
C GLY B 15 -19.93 -16.12 8.84
N SER B 16 -20.59 -16.05 7.68
CA SER B 16 -20.38 -17.04 6.63
C SER B 16 -19.15 -16.64 5.81
N SER B 17 -18.94 -17.35 4.70
CA SER B 17 -17.80 -17.11 3.83
C SER B 17 -18.28 -16.87 2.41
N VAL B 18 -17.42 -16.22 1.62
CA VAL B 18 -17.71 -15.95 0.21
C VAL B 18 -16.46 -16.25 -0.60
N LYS B 19 -16.65 -16.90 -1.74
CA LYS B 19 -15.58 -17.17 -2.69
C LYS B 19 -15.91 -16.47 -4.00
N VAL B 20 -15.08 -15.53 -4.41
CA VAL B 20 -15.28 -14.73 -5.61
C VAL B 20 -14.18 -15.07 -6.60
N SER B 21 -14.55 -15.20 -7.87
CA SER B 21 -13.63 -15.63 -8.91
C SER B 21 -13.28 -14.47 -9.85
N CYS B 22 -12.14 -14.62 -10.52
CA CYS B 22 -11.69 -13.65 -11.52
C CYS B 22 -10.93 -14.42 -12.59
N ARG B 23 -11.52 -14.55 -13.77
CA ARG B 23 -10.90 -15.26 -14.88
C ARG B 23 -10.34 -14.27 -15.89
N THR B 24 -9.18 -14.61 -16.44
CA THR B 24 -8.55 -13.82 -17.48
C THR B 24 -8.00 -14.76 -18.55
N SER B 25 -7.35 -14.19 -19.56
CA SER B 25 -6.68 -14.99 -20.57
C SER B 25 -5.45 -15.65 -19.97
N GLY B 26 -5.07 -16.79 -20.55
CA GLY B 26 -3.89 -17.50 -20.06
C GLY B 26 -2.63 -16.66 -20.15
N ASP B 27 -2.51 -15.86 -21.22
CA ASP B 27 -1.36 -14.97 -21.36
C ASP B 27 -1.25 -14.02 -20.17
N THR B 28 -2.35 -13.35 -19.84
CA THR B 28 -2.36 -12.43 -18.69
C THR B 28 -2.10 -13.18 -17.39
N PHE B 29 -2.69 -14.37 -17.25
CA PHE B 29 -2.60 -15.13 -16.00
C PHE B 29 -1.16 -15.49 -15.65
N ASN B 30 -0.32 -15.76 -16.65
CA ASN B 30 1.04 -16.24 -16.43
C ASN B 30 2.09 -15.14 -16.57
N THR B 31 1.66 -13.89 -16.75
CA THR B 31 2.59 -12.77 -16.85
C THR B 31 2.26 -11.66 -15.86
N HIS B 32 1.34 -11.91 -14.93
CA HIS B 32 0.82 -10.86 -14.08
C HIS B 32 0.67 -11.35 -12.65
N ALA B 33 0.66 -10.39 -11.73
CA ALA B 33 0.13 -10.60 -10.39
C ALA B 33 -1.34 -10.22 -10.40
N ILE B 34 -2.15 -10.97 -9.67
CA ILE B 34 -3.58 -10.74 -9.58
C ILE B 34 -3.90 -10.30 -8.17
N SER B 35 -4.32 -9.06 -8.01
CA SER B 35 -4.67 -8.50 -6.72
C SER B 35 -6.18 -8.46 -6.52
N TRP B 36 -6.57 -8.30 -5.26
CA TRP B 36 -7.97 -8.06 -4.91
C TRP B 36 -8.05 -6.74 -4.15
N VAL B 37 -8.86 -5.82 -4.68
CA VAL B 37 -9.04 -4.49 -4.12
C VAL B 37 -10.52 -4.31 -3.85
N ARG B 38 -10.88 -3.96 -2.63
CA ARG B 38 -12.28 -3.78 -2.28
C ARG B 38 -12.59 -2.31 -2.01
N GLN B 39 -13.87 -1.99 -2.12
CA GLN B 39 -14.34 -0.60 -2.02
C GLN B 39 -15.67 -0.61 -1.29
N ALA B 40 -15.65 -0.22 -0.01
CA ALA B 40 -16.88 -0.10 0.75
C ALA B 40 -17.75 1.01 0.16
N PRO B 41 -19.07 0.95 0.37
CA PRO B 41 -19.95 2.00 -0.19
C PRO B 41 -19.53 3.41 0.19
N GLY B 42 -19.29 4.25 -0.82
CA GLY B 42 -18.88 5.62 -0.58
C GLY B 42 -17.51 5.79 0.03
N GLN B 43 -16.64 4.79 -0.07
CA GLN B 43 -15.31 4.84 0.52
C GLN B 43 -14.24 4.61 -0.55
N GLY B 44 -12.98 4.58 -0.08
CA GLY B 44 -11.85 4.49 -0.97
C GLY B 44 -11.53 3.05 -1.37
N LEU B 45 -10.36 2.90 -1.97
CA LEU B 45 -9.88 1.62 -2.47
C LEU B 45 -8.94 0.98 -1.46
N GLU B 46 -9.15 -0.30 -1.18
CA GLU B 46 -8.39 -1.02 -0.16
C GLU B 46 -7.81 -2.28 -0.78
N TRP B 47 -6.48 -2.32 -0.91
CA TRP B 47 -5.80 -3.51 -1.42
C TRP B 47 -5.78 -4.59 -0.34
N MET B 48 -6.27 -5.77 -0.68
CA MET B 48 -6.39 -6.88 0.27
C MET B 48 -5.24 -7.87 0.18
N GLY B 49 -4.77 -8.15 -1.02
CA GLY B 49 -3.73 -9.14 -1.21
C GLY B 49 -3.59 -9.44 -2.69
N GLY B 50 -2.66 -10.35 -2.98
CA GLY B 50 -2.42 -10.70 -4.36
C GLY B 50 -1.80 -12.07 -4.49
N ILE B 51 -1.73 -12.54 -5.73
CA ILE B 51 -1.09 -13.81 -6.07
C ILE B 51 -0.42 -13.66 -7.42
N ILE B 52 0.74 -14.28 -7.58
CA ILE B 52 1.37 -14.41 -8.89
C ILE B 52 1.23 -15.89 -9.27
N PRO B 53 0.25 -16.23 -10.11
CA PRO B 53 -0.08 -17.65 -10.34
C PRO B 53 1.08 -18.53 -10.76
N ILE B 54 1.91 -18.07 -11.70
CA ILE B 54 2.97 -18.93 -12.22
C ILE B 54 4.04 -19.21 -11.16
N PHE B 55 4.15 -18.36 -10.14
CA PHE B 55 5.09 -18.58 -9.05
C PHE B 55 4.41 -19.05 -7.78
N ALA B 56 3.09 -19.05 -7.73
CA ALA B 56 2.29 -19.52 -6.59
C ALA B 56 2.59 -18.74 -5.31
N THR B 57 3.15 -17.54 -5.43
CA THR B 57 3.41 -16.70 -4.27
C THR B 57 2.23 -15.77 -4.01
N THR B 58 1.91 -15.60 -2.74
CA THR B 58 0.82 -14.72 -2.31
C THR B 58 1.32 -13.79 -1.22
N ASN B 59 0.60 -12.68 -1.04
CA ASN B 59 0.79 -11.83 0.12
C ASN B 59 -0.54 -11.18 0.46
N TYR B 60 -0.62 -10.63 1.67
CA TYR B 60 -1.87 -10.10 2.20
C TYR B 60 -1.56 -8.86 3.03
N ALA B 61 -2.48 -7.89 2.99
CA ALA B 61 -2.43 -6.81 3.96
C ALA B 61 -2.72 -7.36 5.35
N ASN B 62 -2.10 -6.74 6.36
CA ASN B 62 -2.16 -7.27 7.72
C ASN B 62 -3.60 -7.48 8.19
N LYS B 63 -4.49 -6.52 7.91
CA LYS B 63 -5.84 -6.58 8.45
C LYS B 63 -6.69 -7.67 7.79
N PHE B 64 -6.26 -8.22 6.65
CA PHE B 64 -6.96 -9.32 6.02
C PHE B 64 -6.27 -10.66 6.19
N GLN B 65 -5.07 -10.68 6.77
CA GLN B 65 -4.44 -11.93 7.17
C GLN B 65 -5.36 -12.72 8.10
N GLY B 66 -5.47 -14.03 7.85
CA GLY B 66 -6.20 -14.92 8.71
C GLY B 66 -7.66 -15.14 8.36
N THR B 67 -8.30 -14.14 7.74
CA THR B 67 -9.68 -14.29 7.29
C THR B 67 -9.81 -14.33 5.78
N VAL B 68 -8.72 -14.11 5.04
CA VAL B 68 -8.74 -14.02 3.60
C VAL B 68 -7.71 -14.98 3.03
N THR B 69 -8.09 -15.69 1.96
CA THR B 69 -7.18 -16.57 1.24
C THR B 69 -7.35 -16.33 -0.25
N ILE B 70 -6.24 -16.19 -0.95
CA ILE B 70 -6.22 -15.93 -2.39
C ILE B 70 -5.53 -17.11 -3.07
N SER B 71 -6.15 -17.62 -4.12
CA SER B 71 -5.68 -18.81 -4.81
C SER B 71 -5.82 -18.62 -6.31
N ALA B 72 -5.23 -19.55 -7.06
CA ALA B 72 -5.24 -19.51 -8.50
C ALA B 72 -5.34 -20.93 -9.05
N ASP B 73 -6.12 -21.09 -10.13
CA ASP B 73 -6.25 -22.35 -10.86
C ASP B 73 -5.63 -22.16 -12.23
N GLU B 74 -4.43 -22.73 -12.43
CA GLU B 74 -3.72 -22.58 -13.69
C GLU B 74 -4.51 -23.11 -14.88
N SER B 75 -5.31 -24.16 -14.68
CA SER B 75 -6.02 -24.78 -15.80
C SER B 75 -7.19 -23.95 -16.31
N THR B 76 -7.78 -23.10 -15.48
CA THR B 76 -8.89 -22.26 -15.90
C THR B 76 -8.53 -20.77 -15.92
N SER B 77 -7.26 -20.44 -15.69
CA SER B 77 -6.79 -19.05 -15.68
C SER B 77 -7.62 -18.17 -14.73
N THR B 78 -8.05 -18.75 -13.62
CA THR B 78 -8.95 -18.09 -12.70
C THR B 78 -8.31 -17.95 -11.33
N ALA B 79 -8.26 -16.72 -10.83
CA ALA B 79 -7.87 -16.45 -9.45
C ALA B 79 -9.11 -16.35 -8.58
N TYR B 80 -8.96 -16.66 -7.29
CA TYR B 80 -10.08 -16.68 -6.37
C TYR B 80 -9.76 -15.87 -5.13
N LEU B 81 -10.80 -15.24 -4.58
CA LEU B 81 -10.75 -14.54 -3.31
C LEU B 81 -11.75 -15.19 -2.37
N GLU B 82 -11.27 -15.66 -1.22
CA GLU B 82 -12.13 -16.23 -0.20
C GLU B 82 -12.08 -15.35 1.04
N VAL B 83 -13.25 -14.95 1.53
CA VAL B 83 -13.37 -14.09 2.70
C VAL B 83 -14.25 -14.79 3.72
N ARG B 84 -13.68 -15.12 4.88
CA ARG B 84 -14.40 -15.81 5.94
C ARG B 84 -14.77 -14.81 7.04
N SER B 85 -15.61 -15.30 7.97
CA SER B 85 -16.03 -14.51 9.14
C SER B 85 -16.59 -13.15 8.71
N LEU B 86 -17.48 -13.19 7.72
CA LEU B 86 -17.99 -11.96 7.13
C LEU B 86 -18.75 -11.12 8.16
N ARG B 87 -18.56 -9.81 8.08
CA ARG B 87 -19.25 -8.86 8.94
C ARG B 87 -19.93 -7.83 8.04
N SER B 88 -20.80 -7.01 8.66
CA SER B 88 -21.52 -6.00 7.89
C SER B 88 -20.57 -5.05 7.19
N GLU B 89 -19.48 -4.66 7.86
CA GLU B 89 -18.51 -3.75 7.26
C GLU B 89 -17.75 -4.38 6.10
N ASP B 90 -17.94 -5.68 5.84
CA ASP B 90 -17.35 -6.33 4.68
C ASP B 90 -18.22 -6.18 3.43
N THR B 91 -19.38 -5.53 3.54
CA THR B 91 -20.19 -5.19 2.37
C THR B 91 -19.42 -4.22 1.49
N ALA B 92 -19.06 -4.66 0.29
CA ALA B 92 -18.26 -3.83 -0.60
C ALA B 92 -18.32 -4.40 -2.00
N VAL B 93 -17.80 -3.63 -2.96
CA VAL B 93 -17.52 -4.13 -4.30
C VAL B 93 -16.08 -4.62 -4.30
N TYR B 94 -15.88 -5.90 -4.58
CA TYR B 94 -14.55 -6.50 -4.59
C TYR B 94 -14.05 -6.53 -6.02
N TYR B 95 -12.95 -5.81 -6.27
CA TYR B 95 -12.38 -5.69 -7.60
C TYR B 95 -11.22 -6.65 -7.78
N CYS B 96 -11.16 -7.24 -8.97
CA CYS B 96 -9.99 -7.96 -9.44
C CYS B 96 -9.12 -6.99 -10.22
N ALA B 97 -7.81 -7.06 -9.99
CA ALA B 97 -6.88 -6.17 -10.68
C ALA B 97 -5.57 -6.90 -10.92
N SER B 98 -4.94 -6.58 -12.05
CA SER B 98 -3.70 -7.22 -12.46
C SER B 98 -2.60 -6.20 -12.62
N ASN B 99 -1.36 -6.67 -12.57
CA ASN B 99 -0.20 -5.86 -12.93
C ASN B 99 0.92 -6.78 -13.38
N ARG B 100 1.79 -6.24 -14.23
CA ARG B 100 2.87 -7.02 -14.84
C ARG B 100 3.74 -7.69 -13.77
N ALA B 101 4.15 -8.92 -14.06
CA ALA B 101 5.01 -9.70 -13.17
C ALA B 101 5.95 -10.52 -14.05
N ASN B 102 7.21 -10.07 -14.16
CA ASN B 102 8.20 -10.78 -14.94
C ASN B 102 8.91 -11.87 -14.14
N ARG B 103 9.10 -11.66 -12.85
CA ARG B 103 9.70 -12.64 -11.97
C ARG B 103 9.03 -12.57 -10.61
N ALA B 104 9.35 -13.53 -9.74
CA ALA B 104 8.81 -13.50 -8.39
C ALA B 104 9.26 -12.26 -7.62
N ASP B 105 10.39 -11.67 -8.00
CA ASP B 105 10.90 -10.45 -7.36
C ASP B 105 10.96 -9.30 -8.34
N ASP B 106 10.02 -9.27 -9.30
CA ASP B 106 9.97 -8.22 -10.33
C ASP B 106 8.50 -8.04 -10.73
N TYR B 107 7.69 -7.53 -9.81
CA TYR B 107 6.28 -7.27 -10.10
C TYR B 107 5.80 -5.96 -9.47
N ASP B 108 6.69 -5.00 -9.30
CA ASP B 108 6.33 -3.69 -8.76
C ASP B 108 5.88 -2.78 -9.90
N TYR B 109 4.64 -2.98 -10.33
CA TYR B 109 4.07 -2.22 -11.43
C TYR B 109 2.67 -1.73 -11.08
N TYR B 110 2.32 -0.59 -11.65
CA TYR B 110 0.97 -0.03 -11.63
C TYR B 110 -0.04 -1.06 -12.12
N PHE B 111 -1.31 -0.86 -11.81
CA PHE B 111 -2.31 -1.86 -12.16
C PHE B 111 -2.63 -1.82 -13.66
N ASP B 112 -2.69 -3.02 -14.25
CA ASP B 112 -2.79 -3.23 -15.69
C ASP B 112 -4.24 -3.18 -16.17
N TYR B 113 -5.06 -4.10 -15.65
CA TYR B 113 -6.47 -4.17 -15.98
C TYR B 113 -7.28 -4.27 -14.69
N TRP B 114 -8.58 -4.02 -14.80
CA TRP B 114 -9.49 -4.17 -13.69
C TRP B 114 -10.67 -5.02 -14.12
N GLY B 115 -11.16 -5.86 -13.22
CA GLY B 115 -12.44 -6.50 -13.43
C GLY B 115 -13.57 -5.52 -13.16
N GLN B 116 -14.78 -5.89 -13.60
CA GLN B 116 -15.91 -4.99 -13.42
C GLN B 116 -16.42 -4.95 -11.98
N GLY B 117 -15.90 -5.79 -11.11
CA GLY B 117 -16.28 -5.76 -9.70
C GLY B 117 -17.37 -6.75 -9.36
N THR B 118 -17.37 -7.19 -8.10
CA THR B 118 -18.36 -8.13 -7.60
C THR B 118 -18.90 -7.60 -6.29
N LEU B 119 -20.21 -7.34 -6.25
CA LEU B 119 -20.84 -6.84 -5.04
C LEU B 119 -21.09 -7.98 -4.06
N VAL B 120 -20.61 -7.82 -2.83
CA VAL B 120 -20.85 -8.76 -1.75
C VAL B 120 -21.62 -8.01 -0.67
N THR B 121 -22.89 -8.38 -0.48
CA THR B 121 -23.72 -7.80 0.55
C THR B 121 -23.77 -8.75 1.73
N VAL B 122 -23.27 -8.30 2.88
CA VAL B 122 -23.30 -9.08 4.11
C VAL B 122 -24.47 -8.56 4.94
N SER B 123 -25.51 -9.39 5.10
CA SER B 123 -26.72 -8.95 5.77
C SER B 123 -27.56 -10.16 6.14
N SER B 124 -28.44 -9.96 7.12
CA SER B 124 -29.42 -10.96 7.52
C SER B 124 -30.76 -10.79 6.80
N ALA B 125 -30.93 -9.70 6.06
CA ALA B 125 -32.22 -9.41 5.45
C ALA B 125 -32.56 -10.45 4.39
N SER B 126 -33.87 -10.65 4.19
CA SER B 126 -34.35 -11.50 3.13
C SER B 126 -34.50 -10.71 1.84
N PHE B 127 -34.43 -11.42 0.71
CA PHE B 127 -34.72 -10.81 -0.57
C PHE B 127 -36.15 -10.28 -0.57
N LYS B 128 -36.33 -9.06 -1.09
CA LYS B 128 -37.66 -8.46 -1.11
C LYS B 128 -37.70 -7.39 -2.19
N GLY B 129 -38.73 -7.44 -3.04
CA GLY B 129 -38.98 -6.40 -4.00
C GLY B 129 -39.51 -5.15 -3.33
N PRO B 130 -39.34 -4.00 -3.97
CA PRO B 130 -39.76 -2.75 -3.34
C PRO B 130 -41.25 -2.50 -3.49
N SER B 131 -41.75 -1.64 -2.61
CA SER B 131 -43.05 -1.00 -2.77
C SER B 131 -42.81 0.37 -3.41
N VAL B 132 -43.58 0.69 -4.43
CA VAL B 132 -43.40 1.92 -5.19
C VAL B 132 -44.59 2.82 -4.90
N PHE B 133 -44.34 3.88 -4.12
CA PHE B 133 -45.37 4.83 -3.72
C PHE B 133 -45.23 6.13 -4.50
N PRO B 134 -46.34 6.74 -4.88
CA PRO B 134 -46.27 7.97 -5.66
C PRO B 134 -45.85 9.16 -4.81
N LEU B 135 -45.11 10.06 -5.43
CA LEU B 135 -44.84 11.38 -4.89
C LEU B 135 -45.64 12.35 -5.76
N ALA B 136 -46.89 12.55 -5.39
CA ALA B 136 -47.82 13.23 -6.28
C ALA B 136 -47.57 14.74 -6.29
N PRO B 137 -47.85 15.41 -7.41
CA PRO B 137 -47.79 16.86 -7.50
C PRO B 137 -48.81 17.52 -6.60
N GLY B 145 -46.06 27.18 -13.81
CA GLY B 145 -44.62 27.04 -13.81
C GLY B 145 -44.15 25.62 -13.93
N THR B 146 -43.38 25.16 -12.95
CA THR B 146 -42.79 23.83 -12.94
C THR B 146 -43.33 23.03 -11.76
N ALA B 147 -43.66 21.77 -12.02
CA ALA B 147 -44.13 20.85 -10.98
C ALA B 147 -43.11 19.74 -10.77
N ALA B 148 -43.04 19.27 -9.53
CA ALA B 148 -42.17 18.15 -9.17
C ALA B 148 -43.03 16.96 -8.77
N LEU B 149 -42.68 15.78 -9.28
CA LEU B 149 -43.34 14.54 -8.93
C LEU B 149 -42.29 13.44 -8.92
N GLY B 150 -42.67 12.27 -8.44
CA GLY B 150 -41.70 11.18 -8.39
C GLY B 150 -42.29 9.93 -7.78
N CYS B 151 -41.38 8.99 -7.50
CA CYS B 151 -41.73 7.68 -6.97
C CYS B 151 -40.84 7.35 -5.79
N LEU B 152 -41.45 6.86 -4.72
CA LEU B 152 -40.74 6.39 -3.53
C LEU B 152 -40.58 4.88 -3.67
N VAL B 153 -39.33 4.44 -3.82
CA VAL B 153 -39.00 3.03 -4.00
C VAL B 153 -38.47 2.54 -2.66
N LYS B 154 -39.32 1.85 -1.89
CA LYS B 154 -39.07 1.63 -0.47
C LYS B 154 -39.00 0.14 -0.14
N ASP B 155 -38.09 -0.18 0.78
CA ASP B 155 -38.02 -1.49 1.43
C ASP B 155 -37.76 -2.61 0.42
N TYR B 156 -36.56 -2.58 -0.15
CA TYR B 156 -36.10 -3.62 -1.06
C TYR B 156 -34.73 -4.12 -0.62
N PHE B 157 -34.43 -5.35 -1.01
CA PHE B 157 -33.15 -5.97 -0.70
C PHE B 157 -32.89 -7.14 -1.64
N PRO B 158 -31.66 -7.24 -2.17
CA PRO B 158 -30.56 -6.29 -1.96
C PRO B 158 -30.50 -5.23 -3.06
N GLU B 159 -29.39 -4.50 -3.10
CA GLU B 159 -29.08 -3.66 -4.24
C GLU B 159 -28.78 -4.57 -5.43
N PRO B 160 -28.96 -4.07 -6.66
CA PRO B 160 -29.40 -2.72 -7.03
C PRO B 160 -30.83 -2.66 -7.56
N VAL B 161 -31.35 -1.44 -7.69
CA VAL B 161 -32.60 -1.17 -8.37
C VAL B 161 -32.33 -0.10 -9.42
N THR B 162 -33.13 -0.12 -10.49
CA THR B 162 -33.09 0.91 -11.50
C THR B 162 -34.47 1.53 -11.65
N VAL B 163 -34.50 2.83 -11.92
CA VAL B 163 -35.74 3.54 -12.20
C VAL B 163 -35.57 4.26 -13.53
N SER B 164 -36.61 4.21 -14.36
CA SER B 164 -36.75 5.04 -15.54
C SER B 164 -38.12 5.68 -15.50
N TRP B 165 -38.40 6.55 -16.47
CA TRP B 165 -39.67 7.28 -16.50
C TRP B 165 -40.25 7.19 -17.91
N ASN B 166 -41.51 6.74 -17.98
CA ASN B 166 -42.20 6.51 -19.24
C ASN B 166 -41.37 5.65 -20.18
N SER B 167 -40.92 4.51 -19.66
CA SER B 167 -40.16 3.52 -20.42
C SER B 167 -38.89 4.10 -21.02
N GLY B 168 -38.32 5.12 -20.36
CA GLY B 168 -37.13 5.77 -20.86
C GLY B 168 -37.36 6.92 -21.81
N ALA B 169 -38.63 7.27 -22.07
CA ALA B 169 -38.90 8.40 -22.95
C ALA B 169 -38.74 9.73 -22.23
N LEU B 170 -38.91 9.75 -20.92
CA LEU B 170 -38.73 10.95 -20.11
C LEU B 170 -37.35 10.90 -19.46
N THR B 171 -36.52 11.87 -19.77
CA THR B 171 -35.13 11.90 -19.31
C THR B 171 -34.73 13.25 -18.73
N SER B 172 -35.14 14.36 -19.35
CA SER B 172 -34.79 15.68 -18.85
C SER B 172 -35.43 15.92 -17.49
N GLY B 173 -34.62 16.39 -16.54
CA GLY B 173 -35.10 16.69 -15.21
C GLY B 173 -35.25 15.50 -14.29
N VAL B 174 -34.81 14.32 -14.70
CA VAL B 174 -34.90 13.14 -13.85
C VAL B 174 -33.73 13.15 -12.86
N HIS B 175 -34.03 12.96 -11.58
CA HIS B 175 -33.04 12.76 -10.54
C HIS B 175 -33.43 11.52 -9.75
N THR B 176 -32.69 10.43 -9.95
CA THR B 176 -32.87 9.21 -9.17
C THR B 176 -31.78 9.16 -8.11
N PHE B 177 -32.19 9.24 -6.85
CA PHE B 177 -31.24 9.41 -5.76
C PHE B 177 -30.53 8.10 -5.41
N PRO B 178 -29.30 8.18 -4.89
CA PRO B 178 -28.65 6.98 -4.39
C PRO B 178 -29.44 6.36 -3.25
N ALA B 179 -29.43 5.03 -3.20
CA ALA B 179 -30.15 4.32 -2.17
C ALA B 179 -29.54 4.57 -0.79
N VAL B 180 -30.36 4.42 0.24
CA VAL B 180 -29.90 4.49 1.62
C VAL B 180 -30.38 3.24 2.34
N LEU B 181 -29.52 2.71 3.21
CA LEU B 181 -29.82 1.50 3.96
C LEU B 181 -30.57 1.89 5.24
N GLN B 182 -31.85 1.57 5.29
CA GLN B 182 -32.64 1.87 6.47
C GLN B 182 -32.23 0.95 7.62
N SER B 183 -32.60 1.36 8.85
CA SER B 183 -32.29 0.55 10.02
C SER B 183 -32.99 -0.79 9.99
N SER B 184 -34.05 -0.93 9.20
CA SER B 184 -34.73 -2.21 9.02
C SER B 184 -33.90 -3.21 8.22
N GLY B 185 -32.74 -2.80 7.70
CA GLY B 185 -31.93 -3.66 6.87
C GLY B 185 -32.28 -3.61 5.39
N LEU B 186 -33.36 -2.94 5.02
CA LEU B 186 -33.77 -2.80 3.63
C LEU B 186 -33.34 -1.44 3.09
N TYR B 187 -33.27 -1.35 1.78
CA TYR B 187 -32.85 -0.13 1.10
C TYR B 187 -34.07 0.68 0.67
N SER B 188 -33.82 1.94 0.31
CA SER B 188 -34.88 2.82 -0.14
C SER B 188 -34.27 3.98 -0.92
N LEU B 189 -35.01 4.43 -1.93
CA LEU B 189 -34.61 5.60 -2.69
C LEU B 189 -35.85 6.21 -3.33
N SER B 190 -35.71 7.47 -3.74
CA SER B 190 -36.73 8.16 -4.51
C SER B 190 -36.17 8.54 -5.87
N SER B 191 -37.06 8.60 -6.86
CA SER B 191 -36.74 9.14 -8.17
C SER B 191 -37.73 10.26 -8.46
N VAL B 192 -37.22 11.44 -8.80
CA VAL B 192 -38.06 12.62 -9.02
C VAL B 192 -37.83 13.13 -10.43
N VAL B 193 -38.80 13.93 -10.89
CA VAL B 193 -38.70 14.59 -12.19
C VAL B 193 -39.50 15.89 -12.10
N THR B 194 -38.99 16.92 -12.76
CA THR B 194 -39.69 18.19 -12.89
C THR B 194 -40.27 18.29 -14.29
N VAL B 195 -41.54 18.68 -14.37
CA VAL B 195 -42.27 18.77 -15.64
C VAL B 195 -43.09 20.04 -15.65
N PRO B 196 -43.50 20.50 -16.83
CA PRO B 196 -44.38 21.67 -16.89
C PRO B 196 -45.68 21.42 -16.16
N SER B 197 -46.08 22.39 -15.32
CA SER B 197 -47.31 22.25 -14.55
C SER B 197 -48.53 22.09 -15.43
N SER B 198 -48.47 22.54 -16.68
CA SER B 198 -49.57 22.35 -17.62
C SER B 198 -49.64 20.93 -18.18
N SER B 199 -48.68 20.07 -17.84
CA SER B 199 -48.69 18.68 -18.28
C SER B 199 -49.42 17.75 -17.34
N LEU B 200 -49.74 18.21 -16.12
CA LEU B 200 -50.32 17.33 -15.11
C LEU B 200 -51.71 16.84 -15.47
N GLY B 201 -52.39 17.49 -16.41
CA GLY B 201 -53.70 17.05 -16.83
C GLY B 201 -53.68 16.23 -18.11
N THR B 202 -52.69 16.47 -18.96
CA THR B 202 -52.63 15.85 -20.28
C THR B 202 -51.62 14.71 -20.39
N GLN B 203 -50.45 14.83 -19.77
CA GLN B 203 -49.35 13.89 -19.97
C GLN B 203 -49.31 12.89 -18.82
N THR B 204 -49.24 11.60 -19.16
CA THR B 204 -49.14 10.54 -18.18
C THR B 204 -47.69 10.34 -17.76
N TYR B 205 -47.47 10.15 -16.45
CA TYR B 205 -46.14 9.93 -15.90
C TYR B 205 -46.12 8.61 -15.15
N ILE B 206 -45.24 7.71 -15.57
CA ILE B 206 -45.08 6.39 -14.97
C ILE B 206 -43.61 6.17 -14.70
N CYS B 207 -43.28 5.71 -13.49
CA CYS B 207 -41.92 5.32 -13.15
C CYS B 207 -41.80 3.81 -13.30
N ASN B 208 -40.76 3.37 -13.99
CA ASN B 208 -40.54 1.94 -14.26
C ASN B 208 -39.43 1.45 -13.34
N VAL B 209 -39.82 0.72 -12.29
CA VAL B 209 -38.90 0.26 -11.26
C VAL B 209 -38.61 -1.22 -11.49
N ASN B 210 -37.33 -1.57 -11.56
CA ASN B 210 -36.91 -2.94 -11.80
C ASN B 210 -35.93 -3.37 -10.73
N HIS B 211 -36.31 -4.37 -9.95
CA HIS B 211 -35.45 -4.98 -8.93
C HIS B 211 -35.13 -6.40 -9.40
N LYS B 212 -34.10 -6.52 -10.24
CA LYS B 212 -33.73 -7.81 -10.79
C LYS B 212 -33.37 -8.87 -9.74
N PRO B 213 -32.67 -8.54 -8.65
CA PRO B 213 -32.35 -9.60 -7.66
C PRO B 213 -33.57 -10.33 -7.11
N SER B 214 -34.72 -9.68 -7.00
CA SER B 214 -35.93 -10.33 -6.55
C SER B 214 -36.90 -10.64 -7.69
N ASN B 215 -36.49 -10.39 -8.93
CA ASN B 215 -37.35 -10.61 -10.11
C ASN B 215 -38.64 -9.80 -9.99
N THR B 216 -38.51 -8.56 -9.53
CA THR B 216 -39.65 -7.68 -9.31
C THR B 216 -39.56 -6.50 -10.27
N LYS B 217 -40.63 -6.29 -11.05
CA LYS B 217 -40.76 -5.14 -11.92
C LYS B 217 -42.06 -4.45 -11.60
N VAL B 218 -42.00 -3.13 -11.38
CA VAL B 218 -43.16 -2.35 -10.97
C VAL B 218 -43.24 -1.09 -11.83
N ASP B 219 -44.40 -0.87 -12.44
CA ASP B 219 -44.72 0.40 -13.08
C ASP B 219 -45.80 1.09 -12.26
N LYS B 220 -45.56 2.36 -11.91
CA LYS B 220 -46.46 3.12 -11.06
C LYS B 220 -46.76 4.47 -11.70
N LYS B 221 -48.00 4.66 -12.12
CA LYS B 221 -48.43 5.95 -12.64
C LYS B 221 -48.61 6.92 -11.48
N VAL B 222 -48.05 8.13 -11.63
CA VAL B 222 -48.11 9.16 -10.60
C VAL B 222 -49.18 10.17 -11.00
N GLU B 223 -50.19 10.32 -10.15
CA GLU B 223 -51.33 11.16 -10.49
C GLU B 223 -51.40 12.38 -9.59
N PRO B 224 -51.76 13.56 -10.14
CA PRO B 224 -51.93 14.81 -9.39
C PRO B 224 -52.94 14.68 -8.25
N GLU C 1 3.75 -0.01 6.37
CA GLU C 1 3.11 0.32 5.10
C GLU C 1 3.37 1.77 4.71
N ILE C 2 3.45 2.02 3.42
CA ILE C 2 3.59 3.38 2.90
C ILE C 2 2.21 4.02 2.82
N VAL C 3 1.99 5.06 3.62
CA VAL C 3 0.69 5.72 3.70
C VAL C 3 0.61 6.83 2.67
N MET C 4 -0.46 6.84 1.89
CA MET C 4 -0.69 7.84 0.85
C MET C 4 -1.70 8.87 1.35
N SER C 5 -1.35 10.14 1.23
CA SER C 5 -2.21 11.24 1.70
C SER C 5 -2.47 12.18 0.54
N GLN C 6 -3.74 12.36 0.19
CA GLN C 6 -4.15 13.27 -0.86
C GLN C 6 -4.75 14.54 -0.28
N SER C 7 -4.65 15.62 -1.04
CA SER C 7 -5.26 16.91 -0.67
C SER C 7 -5.53 17.70 -1.95
N PRO C 8 -6.70 18.33 -2.08
CA PRO C 8 -7.78 18.42 -1.09
C PRO C 8 -8.67 17.18 -1.03
N ASP C 9 -9.60 17.11 -0.09
CA ASP C 9 -10.58 16.02 -0.09
C ASP C 9 -11.51 16.15 -1.29
N SER C 10 -11.99 17.36 -1.56
CA SER C 10 -12.85 17.63 -2.69
C SER C 10 -12.40 18.91 -3.37
N LEU C 11 -12.65 19.00 -4.67
CA LEU C 11 -12.15 20.09 -5.50
C LEU C 11 -13.25 20.52 -6.46
N ALA C 12 -13.52 21.82 -6.50
CA ALA C 12 -14.51 22.41 -7.40
C ALA C 12 -13.80 23.45 -8.24
N VAL C 13 -13.65 23.22 -9.54
CA VAL C 13 -12.94 24.15 -10.40
C VAL C 13 -13.76 24.37 -11.65
N SER C 14 -13.86 25.63 -12.08
CA SER C 14 -14.72 26.02 -13.18
C SER C 14 -14.26 25.35 -14.47
N LEU C 15 -15.20 25.22 -15.41
CA LEU C 15 -14.89 24.59 -16.69
C LEU C 15 -13.75 25.33 -17.38
N GLY C 16 -12.80 24.56 -17.92
CA GLY C 16 -11.66 25.11 -18.60
C GLY C 16 -10.56 25.65 -17.71
N GLU C 17 -10.80 25.73 -16.41
CA GLU C 17 -9.77 26.07 -15.45
C GLU C 17 -8.97 24.82 -15.07
N ARG C 18 -7.89 25.02 -14.32
CA ARG C 18 -6.96 23.95 -14.01
C ARG C 18 -7.23 23.41 -12.62
N ALA C 19 -7.22 22.08 -12.49
CA ALA C 19 -7.38 21.42 -11.20
C ALA C 19 -6.05 20.77 -10.84
N THR C 20 -5.59 21.01 -9.61
CA THR C 20 -4.37 20.39 -9.10
C THR C 20 -4.70 19.54 -7.89
N ILE C 21 -4.18 18.32 -7.87
CA ILE C 21 -4.40 17.39 -6.78
C ILE C 21 -3.06 16.87 -6.26
N ASN C 22 -2.79 17.10 -4.98
CA ASN C 22 -1.53 16.68 -4.38
C ASN C 22 -1.60 15.30 -3.70
N CYS C 23 -0.45 14.61 -3.68
CA CYS C 23 -0.35 13.30 -3.06
C CYS C 23 1.02 13.17 -2.41
N LYS C 24 1.03 12.82 -1.12
CA LYS C 24 2.26 12.63 -0.38
C LYS C 24 2.32 11.21 0.17
N SER C 25 3.49 10.57 0.03
CA SER C 25 3.73 9.24 0.56
C SER C 25 4.56 9.32 1.82
N SER C 26 4.24 8.46 2.80
CA SER C 26 4.94 8.50 4.07
C SER C 26 6.40 8.06 3.96
N GLN C 27 6.73 7.40 2.87
CA GLN C 27 8.09 6.97 2.64
C GLN C 27 8.38 7.14 1.14
N SER C 28 9.57 7.63 0.79
CA SER C 28 9.91 7.86 -0.60
C SER C 28 9.66 6.61 -1.44
N VAL C 29 9.18 6.82 -2.66
CA VAL C 29 8.92 5.71 -3.57
C VAL C 29 9.82 5.86 -4.80
N LEU C 30 10.97 6.50 -4.61
CA LEU C 30 11.96 6.70 -5.68
C LEU C 30 13.09 5.69 -5.46
N TYR C 31 13.08 4.64 -6.27
CA TYR C 31 14.12 3.61 -6.22
C TYR C 31 15.43 4.19 -6.72
N LYS C 32 16.44 4.27 -5.84
CA LYS C 32 17.74 4.81 -6.26
C LYS C 32 18.33 4.03 -7.42
N SER C 33 18.05 2.72 -7.49
CA SER C 33 18.72 1.87 -8.46
C SER C 33 18.33 2.22 -9.89
N ASP C 34 17.04 2.48 -10.14
CA ASP C 34 16.57 2.79 -11.48
C ASP C 34 16.06 4.22 -11.64
N LYS C 35 16.08 5.03 -10.57
CA LYS C 35 15.64 6.42 -10.59
C LYS C 35 14.16 6.59 -10.88
N LYS C 36 13.36 5.53 -10.77
CA LYS C 36 11.94 5.62 -11.07
C LYS C 36 11.13 5.87 -9.80
N ASN C 37 10.08 6.69 -9.94
CA ASN C 37 9.11 6.89 -8.89
C ASN C 37 7.96 5.89 -9.09
N TYR C 38 7.75 5.03 -8.09
CA TYR C 38 6.77 3.95 -8.22
C TYR C 38 5.39 4.46 -7.77
N LEU C 39 4.88 5.40 -8.56
CA LEU C 39 3.63 6.08 -8.25
C LEU C 39 2.74 6.12 -9.48
N ALA C 40 1.44 5.89 -9.27
CA ALA C 40 0.44 5.93 -10.32
C ALA C 40 -0.75 6.78 -9.89
N TRP C 41 -1.49 7.26 -10.88
CA TRP C 41 -2.73 8.01 -10.66
C TRP C 41 -3.86 7.32 -11.40
N TYR C 42 -5.02 7.24 -10.75
CA TYR C 42 -6.19 6.61 -11.34
C TYR C 42 -7.39 7.55 -11.28
N GLN C 43 -8.31 7.35 -12.22
CA GLN C 43 -9.58 8.05 -12.27
C GLN C 43 -10.70 7.03 -12.12
N GLN C 44 -11.65 7.29 -11.23
CA GLN C 44 -12.78 6.41 -11.03
C GLN C 44 -14.08 7.21 -11.04
N LYS C 45 -14.96 6.88 -11.97
CA LYS C 45 -16.32 7.39 -12.00
C LYS C 45 -17.26 6.34 -11.40
N SER C 46 -18.36 6.82 -10.82
CA SER C 46 -19.23 5.95 -10.03
C SER C 46 -19.79 4.82 -10.88
N GLY C 47 -19.78 3.61 -10.31
CA GLY C 47 -20.23 2.42 -10.99
C GLY C 47 -19.18 1.74 -11.85
N GLN C 48 -17.99 2.31 -11.96
CA GLN C 48 -16.95 1.80 -12.84
C GLN C 48 -15.69 1.46 -12.04
N PRO C 49 -14.87 0.54 -12.55
CA PRO C 49 -13.55 0.32 -11.96
C PRO C 49 -12.63 1.49 -12.27
N PRO C 50 -11.57 1.67 -11.48
CA PRO C 50 -10.62 2.76 -11.76
C PRO C 50 -9.96 2.60 -13.13
N LYS C 51 -9.44 3.71 -13.63
CA LYS C 51 -8.74 3.73 -14.92
C LYS C 51 -7.39 4.42 -14.76
N LEU C 52 -6.35 3.82 -15.34
CA LEU C 52 -5.00 4.33 -15.21
C LEU C 52 -4.82 5.61 -16.00
N LEU C 53 -4.35 6.67 -15.33
CA LEU C 53 -4.03 7.93 -15.96
C LEU C 53 -2.52 8.09 -16.12
N ILE C 54 -1.79 8.01 -15.01
CA ILE C 54 -0.39 8.36 -14.92
C ILE C 54 0.32 7.20 -14.23
N TYR C 55 1.54 6.95 -14.65
CA TYR C 55 2.41 5.96 -14.04
C TYR C 55 3.86 6.44 -14.05
N TRP C 56 4.67 5.96 -13.11
CA TRP C 56 6.04 6.39 -12.95
C TRP C 56 6.01 7.86 -12.66
N ALA C 57 4.98 8.26 -11.95
CA ALA C 57 4.77 9.64 -11.55
C ALA C 57 4.37 10.62 -12.64
N SER C 58 5.04 10.55 -13.77
CA SER C 58 4.84 11.48 -14.85
C SER C 58 4.51 10.94 -16.23
N THR C 59 4.46 9.65 -16.38
CA THR C 59 4.19 9.08 -17.68
C THR C 59 2.72 8.96 -17.92
N ARG C 60 2.27 9.52 -19.02
CA ARG C 60 0.85 9.49 -19.36
C ARG C 60 0.50 8.16 -20.02
N GLU C 61 -0.56 7.52 -19.56
CA GLU C 61 -0.99 6.25 -20.13
C GLU C 61 -1.52 6.47 -21.54
N SER C 62 -1.28 5.48 -22.41
CA SER C 62 -1.76 5.57 -23.78
C SER C 62 -3.27 5.72 -23.83
N GLY C 63 -3.74 6.70 -24.61
CA GLY C 63 -5.15 7.01 -24.71
C GLY C 63 -5.65 8.06 -23.74
N VAL C 64 -4.85 8.41 -22.74
CA VAL C 64 -5.24 9.47 -21.81
C VAL C 64 -5.06 10.82 -22.50
N PRO C 65 -6.06 11.70 -22.45
CA PRO C 65 -5.89 13.03 -23.08
C PRO C 65 -4.75 13.79 -22.43
N ASP C 66 -3.95 14.47 -23.25
CA ASP C 66 -2.74 15.07 -22.72
C ASP C 66 -2.99 16.31 -21.86
N ARG C 67 -4.22 16.66 -21.50
CA ARG C 67 -4.41 17.65 -20.46
C ARG C 67 -4.23 17.07 -19.06
N PHE C 68 -4.07 15.76 -18.96
CA PHE C 68 -3.67 15.11 -17.72
C PHE C 68 -2.15 15.05 -17.66
N SER C 69 -1.57 15.51 -16.56
CA SER C 69 -0.13 15.37 -16.40
C SER C 69 0.19 15.12 -14.93
N GLY C 70 1.26 14.35 -14.70
CA GLY C 70 1.73 14.06 -13.36
C GLY C 70 3.13 14.59 -13.17
N SER C 71 3.41 15.08 -11.96
CA SER C 71 4.72 15.60 -11.62
C SER C 71 5.01 15.25 -10.16
N GLY C 72 6.21 15.61 -9.71
CA GLY C 72 6.66 15.31 -8.37
C GLY C 72 7.75 14.25 -8.36
N SER C 73 8.24 13.96 -7.16
CA SER C 73 9.35 13.05 -7.00
C SER C 73 9.52 12.72 -5.53
N GLY C 74 9.98 11.50 -5.25
CA GLY C 74 10.28 11.08 -3.90
C GLY C 74 9.04 10.83 -3.06
N THR C 75 8.60 11.85 -2.32
CA THR C 75 7.45 11.73 -1.44
C THR C 75 6.28 12.63 -1.80
N ASP C 76 6.44 13.57 -2.74
CA ASP C 76 5.42 14.57 -3.04
C ASP C 76 5.10 14.54 -4.52
N PHE C 77 3.83 14.35 -4.85
CA PHE C 77 3.41 14.16 -6.23
C PHE C 77 2.16 14.98 -6.50
N THR C 78 1.93 15.28 -7.77
CA THR C 78 0.88 16.20 -8.17
C THR C 78 0.25 15.75 -9.48
N LEU C 79 -1.08 15.66 -9.47
CA LEU C 79 -1.86 15.47 -10.69
C LEU C 79 -2.54 16.79 -11.05
N THR C 80 -2.43 17.19 -12.31
CA THR C 80 -2.97 18.47 -12.76
C THR C 80 -3.86 18.25 -13.98
N ILE C 81 -5.09 18.74 -13.89
CA ILE C 81 -6.01 18.84 -15.02
C ILE C 81 -5.88 20.27 -15.53
N SER C 82 -5.15 20.46 -16.64
CA SER C 82 -4.79 21.81 -17.06
C SER C 82 -6.00 22.63 -17.48
N SER C 83 -6.98 22.00 -18.13
CA SER C 83 -8.21 22.68 -18.52
C SER C 83 -9.37 21.70 -18.31
N LEU C 84 -10.07 21.82 -17.18
CA LEU C 84 -11.06 20.80 -16.79
C LEU C 84 -12.24 20.79 -17.77
N GLN C 85 -12.66 19.57 -18.15
CA GLN C 85 -13.86 19.30 -18.95
C GLN C 85 -14.89 18.50 -18.15
N ALA C 86 -16.15 18.56 -18.61
CA ALA C 86 -17.23 17.92 -17.86
C ALA C 86 -16.98 16.43 -17.66
N GLU C 87 -16.40 15.76 -18.65
CA GLU C 87 -16.13 14.32 -18.57
C GLU C 87 -15.05 13.95 -17.55
N ASP C 88 -14.40 14.94 -16.94
CA ASP C 88 -13.36 14.69 -15.94
C ASP C 88 -13.89 14.71 -14.52
N VAL C 89 -15.19 14.97 -14.34
CA VAL C 89 -15.78 14.86 -13.01
C VAL C 89 -15.70 13.42 -12.55
N ALA C 90 -14.97 13.19 -11.47
CA ALA C 90 -14.73 11.85 -10.93
C ALA C 90 -13.95 11.92 -9.63
N VAL C 91 -13.63 10.76 -9.07
CA VAL C 91 -12.70 10.67 -7.96
C VAL C 91 -11.34 10.25 -8.50
N TYR C 92 -10.29 10.88 -8.01
CA TYR C 92 -8.92 10.59 -8.43
C TYR C 92 -8.12 10.03 -7.26
N TYR C 93 -7.38 8.97 -7.54
CA TYR C 93 -6.57 8.28 -6.53
C TYR C 93 -5.12 8.25 -6.98
N CYS C 94 -4.21 8.49 -6.05
CA CYS C 94 -2.81 8.15 -6.24
C CYS C 94 -2.54 6.81 -5.58
N GLN C 95 -1.47 6.15 -6.03
CA GLN C 95 -1.14 4.83 -5.55
C GLN C 95 0.36 4.63 -5.65
N GLN C 96 0.94 4.06 -4.61
CA GLN C 96 2.31 3.58 -4.67
C GLN C 96 2.31 2.10 -4.97
N TYR C 97 3.21 1.69 -5.86
CA TYR C 97 3.49 0.27 -6.09
C TYR C 97 4.97 -0.01 -5.81
N TYR C 98 5.53 0.70 -4.84
CA TYR C 98 6.91 0.49 -4.42
C TYR C 98 7.06 -0.76 -3.56
N SER C 99 6.05 -1.10 -2.76
CA SER C 99 6.18 -2.20 -1.81
C SER C 99 4.81 -2.75 -1.45
N ILE C 100 4.84 -3.90 -0.78
CA ILE C 100 3.67 -4.58 -0.26
C ILE C 100 3.43 -4.11 1.17
N PRO C 101 2.19 -3.75 1.53
CA PRO C 101 0.98 -3.78 0.69
C PRO C 101 0.84 -2.56 -0.23
N ARG C 102 0.20 -2.76 -1.38
CA ARG C 102 -0.15 -1.62 -2.22
C ARG C 102 -1.14 -0.73 -1.48
N THR C 103 -0.98 0.59 -1.62
CA THR C 103 -1.80 1.53 -0.88
C THR C 103 -2.24 2.67 -1.79
N PHE C 104 -3.46 3.16 -1.55
CA PHE C 104 -4.02 4.29 -2.28
C PHE C 104 -4.21 5.48 -1.34
N GLY C 105 -4.17 6.68 -1.92
CA GLY C 105 -4.68 7.83 -1.22
C GLY C 105 -6.18 7.72 -1.01
N GLN C 106 -6.70 8.57 -0.13
CA GLN C 106 -8.12 8.51 0.20
C GLN C 106 -9.02 8.94 -0.96
N GLY C 107 -8.46 9.52 -2.00
CA GLY C 107 -9.25 9.97 -3.13
C GLY C 107 -9.56 11.45 -3.05
N THR C 108 -9.68 12.08 -4.21
CA THR C 108 -10.06 13.49 -4.31
C THR C 108 -11.20 13.61 -5.31
N LYS C 109 -12.34 14.11 -4.84
CA LYS C 109 -13.50 14.30 -5.69
C LYS C 109 -13.40 15.65 -6.41
N VAL C 110 -13.54 15.64 -7.74
CA VAL C 110 -13.44 16.84 -8.55
C VAL C 110 -14.79 17.07 -9.23
N ASP C 111 -15.41 18.21 -8.94
CA ASP C 111 -16.64 18.62 -9.56
C ASP C 111 -16.45 19.93 -10.31
N ILE C 112 -17.37 20.21 -11.23
CA ILE C 112 -17.38 21.46 -11.98
C ILE C 112 -17.89 22.58 -11.07
N LYS C 113 -17.15 23.68 -11.03
CA LYS C 113 -17.59 24.85 -10.28
C LYS C 113 -18.50 25.71 -11.14
N ARG C 114 -19.55 26.26 -10.51
CA ARG C 114 -20.49 27.15 -11.17
C ARG C 114 -20.98 28.18 -10.17
N THR C 115 -21.75 29.14 -10.67
CA THR C 115 -22.30 30.16 -9.80
C THR C 115 -23.28 29.53 -8.81
N ALA C 116 -23.45 30.22 -7.68
CA ALA C 116 -24.37 29.73 -6.65
C ALA C 116 -25.79 29.70 -7.20
N ALA C 117 -26.53 28.66 -6.80
CA ALA C 117 -27.91 28.50 -7.22
C ALA C 117 -28.70 27.96 -6.04
N ALA C 118 -29.76 28.67 -5.68
CA ALA C 118 -30.60 28.24 -4.57
C ALA C 118 -31.45 27.04 -4.98
N PRO C 119 -31.74 26.14 -4.06
CA PRO C 119 -32.60 25.00 -4.39
C PRO C 119 -34.05 25.41 -4.52
N SER C 120 -34.78 24.67 -5.34
CA SER C 120 -36.23 24.72 -5.37
C SER C 120 -36.75 23.64 -4.43
N VAL C 121 -37.47 24.04 -3.40
CA VAL C 121 -37.89 23.11 -2.35
C VAL C 121 -39.31 22.63 -2.64
N PHE C 122 -39.51 21.32 -2.50
CA PHE C 122 -40.82 20.69 -2.64
C PHE C 122 -41.03 19.75 -1.47
N ILE C 123 -42.27 19.66 -0.99
CA ILE C 123 -42.61 18.75 0.09
C ILE C 123 -43.72 17.82 -0.39
N PHE C 124 -43.59 16.54 -0.07
CA PHE C 124 -44.55 15.52 -0.47
C PHE C 124 -45.09 14.81 0.76
N PRO C 125 -46.39 14.85 1.01
CA PRO C 125 -46.96 14.05 2.11
C PRO C 125 -46.92 12.57 1.76
N PRO C 126 -47.04 11.68 2.75
CA PRO C 126 -47.12 10.26 2.44
C PRO C 126 -48.34 9.95 1.59
N SER C 127 -48.23 8.89 0.80
CA SER C 127 -49.28 8.57 -0.14
C SER C 127 -50.45 7.89 0.56
N ASP C 128 -51.59 7.90 -0.15
CA ASP C 128 -52.76 7.13 0.26
C ASP C 128 -52.39 5.69 0.59
N GLU C 129 -51.70 5.03 -0.34
CA GLU C 129 -51.47 3.58 -0.22
C GLU C 129 -50.52 3.25 0.91
N GLN C 130 -49.46 4.04 1.08
CA GLN C 130 -48.45 3.69 2.09
C GLN C 130 -49.02 3.78 3.50
N LEU C 131 -49.91 4.75 3.75
CA LEU C 131 -50.52 4.87 5.07
C LEU C 131 -51.31 3.62 5.43
N LYS C 132 -51.98 3.01 4.46
CA LYS C 132 -52.67 1.75 4.71
C LYS C 132 -51.71 0.64 5.10
N SER C 133 -50.43 0.76 4.75
CA SER C 133 -49.44 -0.24 5.13
C SER C 133 -48.96 -0.09 6.57
N GLY C 134 -49.10 1.09 7.16
CA GLY C 134 -48.75 1.33 8.54
C GLY C 134 -47.53 2.20 8.78
N THR C 135 -46.98 2.86 7.75
CA THR C 135 -45.84 3.75 7.92
C THR C 135 -46.01 4.95 7.01
N ALA C 136 -45.57 6.11 7.48
CA ALA C 136 -45.67 7.36 6.73
C ALA C 136 -44.27 7.89 6.46
N SER C 137 -43.92 7.98 5.17
CA SER C 137 -42.69 8.64 4.74
C SER C 137 -43.05 10.00 4.17
N VAL C 138 -42.43 11.05 4.72
CA VAL C 138 -42.58 12.41 4.23
C VAL C 138 -41.28 12.81 3.54
N VAL C 139 -41.37 13.28 2.31
CA VAL C 139 -40.21 13.53 1.47
C VAL C 139 -40.11 15.01 1.19
N CYS C 140 -38.91 15.58 1.36
CA CYS C 140 -38.62 16.95 1.02
C CYS C 140 -37.55 16.97 -0.06
N LEU C 141 -37.84 17.65 -1.18
CA LEU C 141 -36.95 17.68 -2.33
C LEU C 141 -36.28 19.04 -2.42
N LEU C 142 -34.95 19.05 -2.43
CA LEU C 142 -34.15 20.22 -2.74
C LEU C 142 -33.54 19.97 -4.12
N ASN C 143 -33.99 20.74 -5.11
CA ASN C 143 -33.67 20.45 -6.50
C ASN C 143 -32.74 21.51 -7.08
N ASN C 144 -31.67 21.05 -7.74
CA ASN C 144 -30.87 21.87 -8.65
C ASN C 144 -30.25 23.07 -7.94
N PHE C 145 -29.43 22.78 -6.93
CA PHE C 145 -28.72 23.81 -6.20
C PHE C 145 -27.21 23.63 -6.35
N TYR C 146 -26.49 24.70 -6.02
CA TYR C 146 -25.03 24.68 -5.97
C TYR C 146 -24.57 25.82 -5.06
N PRO C 147 -23.58 25.56 -4.19
CA PRO C 147 -22.84 24.30 -4.06
C PRO C 147 -23.57 23.21 -3.28
N ARG C 148 -22.85 22.11 -3.02
CA ARG C 148 -23.47 20.89 -2.54
C ARG C 148 -23.99 21.00 -1.11
N GLU C 149 -23.35 21.82 -0.27
CA GLU C 149 -23.73 21.91 1.13
C GLU C 149 -25.14 22.48 1.27
N ALA C 150 -25.95 21.83 2.11
CA ALA C 150 -27.32 22.25 2.34
C ALA C 150 -27.83 21.64 3.64
N LYS C 151 -28.57 22.42 4.41
CA LYS C 151 -29.13 21.98 5.68
C LYS C 151 -30.64 21.85 5.57
N VAL C 152 -31.18 20.72 6.01
CA VAL C 152 -32.61 20.45 6.01
C VAL C 152 -33.04 20.14 7.43
N GLN C 153 -34.07 20.83 7.91
CA GLN C 153 -34.62 20.59 9.24
C GLN C 153 -36.11 20.29 9.13
N TRP C 154 -36.56 19.28 9.86
CA TRP C 154 -37.96 18.88 9.89
C TRP C 154 -38.62 19.41 11.15
N LYS C 155 -39.81 19.99 10.99
CA LYS C 155 -40.58 20.54 12.11
C LYS C 155 -41.99 19.98 12.05
N VAL C 156 -42.27 19.01 12.91
CA VAL C 156 -43.61 18.42 13.01
C VAL C 156 -44.38 19.17 14.09
N ASP C 157 -45.47 19.81 13.70
CA ASP C 157 -46.22 20.72 14.59
C ASP C 157 -45.29 21.74 15.23
N ASN C 158 -44.33 22.22 14.43
CA ASN C 158 -43.38 23.25 14.84
C ASN C 158 -42.50 22.78 16.01
N ALA C 159 -42.17 21.50 16.03
CA ALA C 159 -41.20 20.93 16.96
C ALA C 159 -40.09 20.27 16.17
N LEU C 160 -38.85 20.63 16.49
CA LEU C 160 -37.71 20.16 15.71
C LEU C 160 -37.54 18.66 15.85
N GLN C 161 -37.45 17.96 14.72
CA GLN C 161 -37.27 16.52 14.69
C GLN C 161 -35.80 16.16 14.63
N SER C 162 -35.47 14.99 15.16
CA SER C 162 -34.08 14.55 15.22
C SER C 162 -34.02 13.03 15.19
N GLY C 163 -33.16 12.48 14.33
CA GLY C 163 -32.88 11.07 14.31
C GLY C 163 -33.84 10.22 13.50
N ASN C 164 -34.91 10.79 12.94
CA ASN C 164 -35.89 10.03 12.19
C ASN C 164 -35.93 10.47 10.72
N SER C 165 -34.82 10.98 10.22
CA SER C 165 -34.73 11.44 8.83
C SER C 165 -33.45 10.93 8.20
N GLN C 166 -33.50 10.68 6.90
CA GLN C 166 -32.33 10.28 6.13
C GLN C 166 -32.23 11.13 4.87
N GLU C 167 -31.01 11.59 4.58
CA GLU C 167 -30.73 12.37 3.40
C GLU C 167 -30.05 11.52 2.34
N SER C 168 -30.25 11.89 1.08
CA SER C 168 -29.53 11.33 -0.05
C SER C 168 -29.26 12.45 -1.03
N VAL C 169 -28.03 12.52 -1.52
CA VAL C 169 -27.61 13.59 -2.43
C VAL C 169 -27.22 12.96 -3.76
N THR C 170 -27.73 13.52 -4.85
CA THR C 170 -27.35 13.07 -6.18
C THR C 170 -25.96 13.58 -6.53
N GLU C 171 -25.34 12.92 -7.49
CA GLU C 171 -24.09 13.43 -8.03
C GLU C 171 -24.36 14.59 -8.97
N GLN C 172 -23.31 15.36 -9.25
CA GLN C 172 -23.46 16.59 -10.01
C GLN C 172 -24.08 16.32 -11.37
N ASP C 173 -25.12 17.08 -11.70
CA ASP C 173 -25.76 16.97 -13.00
C ASP C 173 -24.82 17.52 -14.07
N SER C 174 -24.56 16.71 -15.11
CA SER C 174 -23.62 17.13 -16.15
C SER C 174 -24.16 18.25 -17.03
N LYS C 175 -25.47 18.52 -17.01
CA LYS C 175 -26.04 19.56 -17.86
C LYS C 175 -25.96 20.95 -17.26
N ASP C 176 -26.30 21.10 -15.97
CA ASP C 176 -26.30 22.42 -15.33
C ASP C 176 -25.39 22.49 -14.11
N SER C 177 -24.61 21.44 -13.84
CA SER C 177 -23.60 21.45 -12.78
C SER C 177 -24.21 21.62 -11.38
N THR C 178 -25.44 21.19 -11.19
CA THR C 178 -26.13 21.34 -9.91
C THR C 178 -26.26 20.00 -9.21
N TYR C 179 -26.67 20.07 -7.95
CA TYR C 179 -26.99 18.91 -7.14
C TYR C 179 -28.44 18.95 -6.72
N SER C 180 -28.96 17.80 -6.31
CA SER C 180 -30.27 17.70 -5.71
C SER C 180 -30.18 16.81 -4.48
N LEU C 181 -31.07 17.04 -3.52
CA LEU C 181 -31.05 16.34 -2.26
C LEU C 181 -32.47 15.96 -1.87
N SER C 182 -32.63 14.74 -1.36
CA SER C 182 -33.89 14.29 -0.78
C SER C 182 -33.70 14.07 0.71
N SER C 183 -34.67 14.55 1.49
CA SER C 183 -34.73 14.29 2.92
C SER C 183 -36.04 13.57 3.21
N THR C 184 -35.95 12.35 3.72
CA THR C 184 -37.11 11.51 3.99
C THR C 184 -37.33 11.44 5.49
N LEU C 185 -38.49 11.92 5.95
CA LEU C 185 -38.91 11.78 7.33
C LEU C 185 -39.84 10.57 7.43
N THR C 186 -39.47 9.61 8.26
CA THR C 186 -40.21 8.36 8.40
C THR C 186 -40.82 8.28 9.79
N LEU C 187 -42.14 8.16 9.86
CA LEU C 187 -42.85 8.01 11.11
C LEU C 187 -43.79 6.81 11.01
N SER C 188 -44.13 6.25 12.16
CA SER C 188 -45.22 5.28 12.19
C SER C 188 -46.53 5.98 11.83
N LYS C 189 -47.46 5.19 11.28
CA LYS C 189 -48.75 5.76 10.95
C LYS C 189 -49.44 6.36 12.17
N ALA C 190 -49.16 5.82 13.36
CA ALA C 190 -49.76 6.34 14.58
C ALA C 190 -49.33 7.79 14.83
N ASP C 191 -48.01 8.02 14.88
CA ASP C 191 -47.48 9.36 15.14
C ASP C 191 -47.79 10.32 14.00
N TYR C 192 -47.90 9.80 12.77
CA TYR C 192 -48.27 10.67 11.65
C TYR C 192 -49.65 11.27 11.86
N GLU C 193 -50.58 10.49 12.39
CA GLU C 193 -51.95 10.96 12.57
C GLU C 193 -52.18 11.61 13.93
N LYS C 194 -51.13 11.80 14.73
CA LYS C 194 -51.19 12.57 15.97
C LYS C 194 -50.65 13.98 15.81
N HIS C 195 -50.38 14.42 14.57
CA HIS C 195 -49.81 15.73 14.31
C HIS C 195 -50.37 16.29 13.01
N LYS C 196 -50.32 17.61 12.87
CA LYS C 196 -51.06 18.27 11.81
C LYS C 196 -50.15 18.84 10.73
N VAL C 197 -49.36 19.84 11.08
CA VAL C 197 -48.53 20.53 10.12
C VAL C 197 -47.16 19.86 10.06
N TYR C 198 -46.70 19.58 8.85
CA TYR C 198 -45.39 18.99 8.60
C TYR C 198 -44.61 19.96 7.72
N ALA C 199 -43.47 20.40 8.22
CA ALA C 199 -42.71 21.47 7.58
C ALA C 199 -41.29 21.01 7.30
N CYS C 200 -40.77 21.43 6.15
CA CYS C 200 -39.39 21.22 5.76
C CYS C 200 -38.72 22.58 5.61
N GLU C 201 -37.62 22.79 6.32
CA GLU C 201 -36.94 24.08 6.36
C GLU C 201 -35.54 23.92 5.78
N VAL C 202 -35.23 24.72 4.77
CA VAL C 202 -34.02 24.56 3.98
C VAL C 202 -33.12 25.78 4.16
N THR C 203 -31.85 25.53 4.48
CA THR C 203 -30.81 26.55 4.54
C THR C 203 -29.78 26.25 3.45
N HIS C 204 -29.32 27.29 2.76
CA HIS C 204 -28.34 27.10 1.70
C HIS C 204 -27.66 28.42 1.39
N GLU C 205 -26.45 28.32 0.81
CA GLU C 205 -25.65 29.50 0.51
C GLU C 205 -26.37 30.46 -0.42
N GLY C 206 -27.12 29.94 -1.39
CA GLY C 206 -27.86 30.73 -2.35
C GLY C 206 -29.15 31.31 -1.86
N LEU C 207 -29.45 31.18 -0.56
CA LEU C 207 -30.66 31.74 0.03
C LEU C 207 -30.26 32.75 1.10
N SER C 208 -30.77 33.97 0.99
CA SER C 208 -30.58 34.96 2.04
C SER C 208 -31.49 34.71 3.23
N SER C 209 -32.43 33.78 3.12
CA SER C 209 -33.40 33.52 4.15
C SER C 209 -33.83 32.06 4.05
N PRO C 210 -34.07 31.37 5.17
CA PRO C 210 -34.54 29.98 5.10
C PRO C 210 -35.86 29.85 4.34
N VAL C 211 -36.00 28.73 3.65
CA VAL C 211 -37.21 28.39 2.90
C VAL C 211 -37.93 27.25 3.61
N THR C 212 -39.21 27.47 3.91
CA THR C 212 -40.05 26.48 4.58
C THR C 212 -41.18 26.06 3.65
N LYS C 213 -41.26 24.76 3.37
CA LYS C 213 -42.38 24.17 2.67
C LYS C 213 -43.12 23.27 3.63
N SER C 214 -44.43 23.47 3.74
CA SER C 214 -45.24 22.74 4.72
C SER C 214 -46.53 22.24 4.06
N PHE C 215 -47.21 21.37 4.79
CA PHE C 215 -48.54 20.92 4.39
C PHE C 215 -49.30 20.50 5.65
N ASN C 216 -50.62 20.45 5.51
CA ASN C 216 -51.49 19.99 6.58
C ASN C 216 -51.98 18.58 6.27
N ARG C 217 -52.00 17.73 7.30
CA ARG C 217 -52.40 16.34 7.14
C ARG C 217 -53.82 16.22 6.61
N GLY C 218 -53.96 15.80 5.36
CA GLY C 218 -55.24 15.62 4.73
C GLY C 218 -55.69 16.72 3.80
N GLU C 219 -54.86 17.74 3.56
CA GLU C 219 -55.20 18.83 2.66
C GLU C 219 -54.23 18.91 1.49
#